data_2VHS
#
_entry.id   2VHS
#
_cell.length_a   56.826
_cell.length_b   58.102
_cell.length_c   70.209
_cell.angle_alpha   105.67
_cell.angle_beta   104.97
_cell.angle_gamma   105.05
#
_symmetry.space_group_name_H-M   'P 1'
#
loop_
_entity.id
_entity.type
_entity.pdbx_description
1 polymer CATHSILICATEIN
2 non-polymer 'SULFATE ION'
3 water water
#
_entity_poly.entity_id   1
_entity_poly.type   'polypeptide(L)'
_entity_poly.pdbx_seq_one_letter_code
;APRSVDWREKGYVTPVKNQGQCGASYAFSATGALEGQMFRKTGRLISLSEQNLVDCSGPQGNEGCNGGLMDYAFQYVQDN
GGLDSEESYPYEATEESCKYNPKYSVANDVGFVDIPKQEKALMKAVATVGPISVAIDAGHESFLFYKEGIYFSSDCSSSS
LNHAMLVVGYGFISNNQKYWLVKNSWGEEWGMGGYVKMAKDRRNHCGIASAASYPTV
;
_entity_poly.pdbx_strand_id   A,B,C,D
#
loop_
_chem_comp.id
_chem_comp.type
_chem_comp.name
_chem_comp.formula
SO4 non-polymer 'SULFATE ION' 'O4 S -2'
#
# COMPACT_ATOMS: atom_id res chain seq x y z
N ALA A 1 11.44 5.71 -19.33
CA ALA A 1 11.04 4.28 -19.27
C ALA A 1 11.24 3.61 -20.63
N PRO A 2 11.52 2.30 -20.65
CA PRO A 2 11.77 1.65 -21.93
C PRO A 2 10.49 1.42 -22.74
N ARG A 3 10.57 1.68 -24.04
CA ARG A 3 9.45 1.45 -24.95
C ARG A 3 9.29 -0.02 -25.32
N SER A 4 10.37 -0.78 -25.20
CA SER A 4 10.35 -2.22 -25.45
C SER A 4 11.07 -2.93 -24.32
N VAL A 5 10.49 -4.04 -23.87
CA VAL A 5 11.04 -4.86 -22.80
C VAL A 5 10.90 -6.32 -23.19
N ASP A 6 11.96 -7.09 -22.97
CA ASP A 6 11.92 -8.54 -23.19
C ASP A 6 12.87 -9.21 -22.21
N TRP A 7 12.30 -9.70 -21.11
CA TRP A 7 13.09 -10.30 -20.03
C TRP A 7 13.85 -11.57 -20.44
N ARG A 8 13.43 -12.20 -21.53
CA ARG A 8 14.17 -13.34 -22.07
C ARG A 8 15.61 -12.97 -22.39
N GLU A 9 15.83 -11.73 -22.83
CA GLU A 9 17.16 -11.27 -23.18
C GLU A 9 18.09 -11.14 -21.98
N LYS A 10 17.54 -11.06 -20.77
CA LYS A 10 18.35 -10.79 -19.59
C LYS A 10 18.54 -12.01 -18.70
N GLY A 11 18.02 -13.16 -19.11
CA GLY A 11 18.22 -14.42 -18.38
C GLY A 11 17.15 -14.77 -17.35
N TYR A 12 16.02 -14.06 -17.37
CA TYR A 12 14.99 -14.21 -16.36
C TYR A 12 14.01 -15.35 -16.68
N VAL A 13 14.11 -15.92 -17.88
CA VAL A 13 13.03 -16.76 -18.39
C VAL A 13 13.54 -18.12 -18.86
N THR A 14 12.99 -19.19 -18.29
CA THR A 14 13.30 -20.55 -18.72
C THR A 14 12.65 -20.84 -20.08
N PRO A 15 13.15 -21.87 -20.78
CA PRO A 15 12.47 -22.30 -22.00
C PRO A 15 10.98 -22.59 -21.80
N VAL A 16 10.22 -22.56 -22.88
CA VAL A 16 8.80 -22.83 -22.83
C VAL A 16 8.55 -24.27 -22.42
N LYS A 17 7.61 -24.43 -21.48
CA LYS A 17 7.23 -25.74 -20.99
C LYS A 17 5.88 -26.14 -21.59
N ASN A 18 5.44 -27.36 -21.27
CA ASN A 18 4.20 -27.89 -21.82
C ASN A 18 3.40 -28.56 -20.70
N GLN A 19 2.28 -27.95 -20.32
CA GLN A 19 1.41 -28.50 -19.28
C GLN A 19 0.66 -29.76 -19.70
N GLY A 20 0.66 -30.08 -20.98
CA GLY A 20 -0.08 -31.25 -21.47
C GLY A 20 -1.56 -31.17 -21.13
N GLN A 21 -2.16 -32.31 -20.83
CA GLN A 21 -3.61 -32.38 -20.60
C GLN A 21 -4.02 -32.16 -19.14
N CYS A 22 -3.15 -31.54 -18.35
CA CYS A 22 -3.44 -31.20 -16.97
C CYS A 22 -3.73 -29.70 -16.87
N GLY A 23 -4.86 -29.35 -16.24
CA GLY A 23 -5.30 -27.96 -16.16
C GLY A 23 -4.59 -27.19 -15.07
N ALA A 24 -3.27 -27.08 -15.19
CA ALA A 24 -2.44 -26.45 -14.17
C ALA A 24 -1.66 -25.25 -14.69
N SER A 25 -2.24 -24.45 -15.57
CA SER A 25 -1.57 -23.25 -16.04
C SER A 25 -1.17 -22.33 -14.88
N TYR A 26 -1.98 -22.30 -13.81
CA TYR A 26 -1.61 -21.54 -12.61
C TYR A 26 -0.20 -21.87 -12.10
N ALA A 27 0.16 -23.16 -12.17
CA ALA A 27 1.44 -23.64 -11.66
C ALA A 27 2.61 -23.18 -12.55
N PHE A 28 2.39 -23.24 -13.86
CA PHE A 28 3.37 -22.77 -14.84
C PHE A 28 3.56 -21.25 -14.79
N SER A 29 2.46 -20.52 -14.64
CA SER A 29 2.54 -19.09 -14.46
C SER A 29 3.33 -18.72 -13.19
N ALA A 30 3.07 -19.44 -12.11
CA ALA A 30 3.70 -19.16 -10.81
C ALA A 30 5.18 -19.52 -10.83
N THR A 31 5.53 -20.67 -11.40
CA THR A 31 6.95 -21.02 -11.50
C THR A 31 7.68 -20.02 -12.39
N GLY A 32 7.05 -19.59 -13.47
CA GLY A 32 7.64 -18.57 -14.34
C GLY A 32 7.97 -17.28 -13.59
N ALA A 33 7.00 -16.80 -12.80
CA ALA A 33 7.21 -15.56 -12.05
C ALA A 33 8.30 -15.73 -11.00
N LEU A 34 8.28 -16.87 -10.30
CA LEU A 34 9.29 -17.17 -9.29
C LEU A 34 10.68 -17.34 -9.91
N GLU A 35 10.75 -18.01 -11.05
CA GLU A 35 12.01 -18.15 -11.78
C GLU A 35 12.65 -16.78 -12.04
N GLY A 36 11.84 -15.82 -12.46
CA GLY A 36 12.33 -14.47 -12.73
C GLY A 36 12.83 -13.73 -11.50
N GLN A 37 12.05 -13.78 -10.43
CA GLN A 37 12.42 -13.07 -9.20
C GLN A 37 13.58 -13.75 -8.46
N MET A 38 13.67 -15.07 -8.54
CA MET A 38 14.85 -15.75 -8.00
C MET A 38 16.10 -15.36 -8.78
N PHE A 39 16.01 -15.25 -10.12
CA PHE A 39 17.14 -14.79 -10.93
C PHE A 39 17.55 -13.36 -10.55
N ARG A 40 16.55 -12.49 -10.42
CA ARG A 40 16.77 -11.12 -10.00
C ARG A 40 17.57 -11.04 -8.69
N LYS A 41 17.29 -11.94 -7.77
CA LYS A 41 17.97 -11.98 -6.48
C LYS A 41 19.37 -12.62 -6.52
N THR A 42 19.49 -13.77 -7.20
CA THR A 42 20.68 -14.61 -7.08
C THR A 42 21.58 -14.63 -8.32
N GLY A 43 21.06 -14.19 -9.46
CA GLY A 43 21.78 -14.28 -10.72
C GLY A 43 21.84 -15.68 -11.33
N ARG A 44 21.00 -16.58 -10.83
CA ARG A 44 20.95 -17.96 -11.32
C ARG A 44 19.52 -18.28 -11.73
N LEU A 45 19.35 -18.75 -12.97
CA LEU A 45 18.04 -19.14 -13.49
C LEU A 45 17.92 -20.65 -13.32
N ILE A 46 17.01 -21.07 -12.46
CA ILE A 46 16.80 -22.48 -12.18
C ILE A 46 15.32 -22.80 -12.38
N SER A 47 15.06 -23.75 -13.28
CA SER A 47 13.72 -24.18 -13.57
C SER A 47 13.08 -24.82 -12.33
N LEU A 48 11.86 -24.41 -12.02
CA LEU A 48 11.16 -24.83 -10.82
C LEU A 48 10.04 -25.83 -11.11
N SER A 49 9.65 -26.58 -10.08
CA SER A 49 8.74 -27.71 -10.24
C SER A 49 7.25 -27.33 -10.19
N GLU A 50 6.57 -27.45 -11.32
CA GLU A 50 5.12 -27.29 -11.36
C GLU A 50 4.42 -28.45 -10.66
N GLN A 51 4.99 -29.65 -10.78
CA GLN A 51 4.41 -30.83 -10.16
C GLN A 51 4.33 -30.67 -8.63
N ASN A 52 5.36 -30.06 -8.06
CA ASN A 52 5.41 -29.73 -6.64
C ASN A 52 4.19 -28.88 -6.25
N LEU A 53 3.84 -27.92 -7.09
CA LEU A 53 2.66 -27.07 -6.87
C LEU A 53 1.35 -27.86 -7.08
N VAL A 54 1.30 -28.67 -8.13
CA VAL A 54 0.10 -29.47 -8.41
C VAL A 54 -0.21 -30.45 -7.26
N ASP A 55 0.83 -31.09 -6.73
CA ASP A 55 0.65 -32.12 -5.70
C ASP A 55 0.47 -31.56 -4.29
N CYS A 56 1.07 -30.39 -4.01
CA CYS A 56 1.22 -29.93 -2.62
C CYS A 56 0.47 -28.66 -2.22
N SER A 57 0.00 -27.86 -3.17
CA SER A 57 -0.59 -26.56 -2.82
C SER A 57 -2.12 -26.57 -2.63
N GLY A 58 -2.68 -27.76 -2.36
CA GLY A 58 -4.10 -27.92 -2.06
C GLY A 58 -4.59 -27.19 -0.81
N PRO A 59 -3.83 -27.27 0.30
CA PRO A 59 -4.20 -26.51 1.51
C PRO A 59 -4.37 -25.00 1.27
N GLN A 60 -3.60 -24.44 0.34
CA GLN A 60 -3.64 -23.01 0.05
C GLN A 60 -4.79 -22.65 -0.88
N GLY A 61 -5.41 -23.67 -1.49
CA GLY A 61 -6.62 -23.48 -2.28
C GLY A 61 -6.59 -23.99 -3.70
N ASN A 62 -5.46 -24.54 -4.14
CA ASN A 62 -5.36 -25.03 -5.52
C ASN A 62 -5.95 -26.43 -5.67
N GLU A 63 -6.26 -26.79 -6.92
CA GLU A 63 -7.02 -28.01 -7.21
C GLU A 63 -6.33 -28.93 -8.22
N GLY A 64 -5.02 -29.06 -8.10
CA GLY A 64 -4.24 -30.00 -8.90
C GLY A 64 -4.30 -29.68 -10.37
N CYS A 65 -4.87 -30.60 -11.16
CA CYS A 65 -5.04 -30.42 -12.60
C CYS A 65 -6.40 -29.79 -12.94
N ASN A 66 -7.16 -29.38 -11.94
CA ASN A 66 -8.47 -28.77 -12.16
C ASN A 66 -8.48 -27.27 -11.84
N GLY A 67 -7.30 -26.68 -11.77
CA GLY A 67 -7.19 -25.24 -11.63
C GLY A 67 -6.57 -24.78 -10.33
N GLY A 68 -6.38 -23.46 -10.24
CA GLY A 68 -5.79 -22.85 -9.06
C GLY A 68 -5.46 -21.41 -9.33
N LEU A 69 -4.87 -20.74 -8.34
CA LEU A 69 -4.46 -19.35 -8.49
C LEU A 69 -2.97 -19.21 -8.24
N MET A 70 -2.30 -18.37 -9.03
CA MET A 70 -0.87 -18.15 -8.84
C MET A 70 -0.55 -17.67 -7.42
N ASP A 71 -1.42 -16.82 -6.87
CA ASP A 71 -1.21 -16.31 -5.51
C ASP A 71 -1.23 -17.44 -4.47
N TYR A 72 -2.07 -18.46 -4.72
CA TYR A 72 -2.12 -19.62 -3.83
C TYR A 72 -0.82 -20.41 -3.94
N ALA A 73 -0.28 -20.47 -5.15
CA ALA A 73 1.02 -21.11 -5.38
C ALA A 73 2.12 -20.34 -4.63
N PHE A 74 2.12 -19.01 -4.73
CA PHE A 74 3.09 -18.20 -4.00
C PHE A 74 2.94 -18.40 -2.50
N GLN A 75 1.70 -18.42 -2.03
CA GLN A 75 1.44 -18.65 -0.60
C GLN A 75 1.96 -20.02 -0.15
N TYR A 76 1.80 -21.04 -0.99
CA TYR A 76 2.34 -22.37 -0.66
C TYR A 76 3.85 -22.30 -0.47
N VAL A 77 4.56 -21.66 -1.39
CA VAL A 77 6.02 -21.59 -1.30
C VAL A 77 6.45 -20.89 -0.01
N GLN A 78 5.72 -19.84 0.33
CA GLN A 78 5.93 -19.10 1.58
C GLN A 78 5.69 -20.00 2.80
N ASP A 79 4.50 -20.59 2.87
CA ASP A 79 4.11 -21.46 3.99
C ASP A 79 5.08 -22.62 4.13
N ASN A 80 5.48 -23.19 3.00
CA ASN A 80 6.31 -24.39 2.94
C ASN A 80 7.80 -24.15 3.16
N GLY A 81 8.24 -22.92 2.95
CA GLY A 81 9.64 -22.56 3.13
C GLY A 81 10.54 -22.94 1.97
N GLY A 82 9.93 -23.28 0.83
CA GLY A 82 10.70 -23.71 -0.32
C GLY A 82 9.89 -24.28 -1.45
N LEU A 83 10.57 -24.52 -2.56
CA LEU A 83 9.98 -25.15 -3.74
C LEU A 83 11.08 -25.91 -4.46
N ASP A 84 10.79 -27.15 -4.85
CA ASP A 84 11.80 -28.01 -5.45
C ASP A 84 12.07 -27.62 -6.90
N SER A 85 13.28 -27.97 -7.35
CA SER A 85 13.66 -27.75 -8.73
C SER A 85 12.86 -28.64 -9.65
N GLU A 86 12.74 -28.20 -10.90
CA GLU A 86 12.11 -29.00 -11.95
C GLU A 86 12.84 -30.33 -12.10
N GLU A 87 14.17 -30.28 -12.06
CA GLU A 87 14.99 -31.48 -12.24
C GLU A 87 14.73 -32.53 -11.16
N SER A 88 14.51 -32.06 -9.94
CA SER A 88 14.34 -32.96 -8.78
C SER A 88 12.92 -33.51 -8.67
N TYR A 89 11.96 -32.79 -9.23
CA TYR A 89 10.53 -33.11 -9.06
C TYR A 89 9.84 -32.86 -10.41
N PRO A 90 10.06 -33.77 -11.38
CA PRO A 90 9.65 -33.54 -12.76
C PRO A 90 8.14 -33.56 -12.97
N TYR A 91 7.72 -32.97 -14.09
CA TYR A 91 6.32 -32.77 -14.39
C TYR A 91 5.73 -34.03 -14.96
N GLU A 92 4.57 -34.42 -14.44
CA GLU A 92 3.91 -35.65 -14.84
C GLU A 92 2.54 -35.43 -15.48
N ALA A 93 2.02 -34.20 -15.40
CA ALA A 93 0.74 -33.83 -16.00
C ALA A 93 -0.43 -34.64 -15.45
N THR A 94 -0.35 -35.00 -14.18
CA THR A 94 -1.46 -35.62 -13.47
C THR A 94 -1.31 -35.31 -11.98
N GLU A 95 -2.42 -35.29 -11.25
CA GLU A 95 -2.36 -34.98 -9.83
C GLU A 95 -1.86 -36.21 -9.06
N GLU A 96 -0.82 -35.99 -8.25
CA GLU A 96 -0.21 -37.04 -7.46
C GLU A 96 -0.07 -36.58 -6.01
N SER A 97 0.40 -37.47 -5.13
CA SER A 97 0.61 -37.08 -3.74
C SER A 97 1.85 -36.22 -3.62
N CYS A 98 1.82 -35.31 -2.65
CA CYS A 98 2.93 -34.42 -2.40
C CYS A 98 4.20 -35.18 -2.03
N LYS A 99 5.29 -34.91 -2.77
CA LYS A 99 6.58 -35.56 -2.55
C LYS A 99 7.69 -34.52 -2.32
N TYR A 100 7.32 -33.36 -1.80
CA TYR A 100 8.28 -32.31 -1.52
C TYR A 100 9.42 -32.82 -0.67
N ASN A 101 10.65 -32.52 -1.10
CA ASN A 101 11.83 -32.82 -0.31
C ASN A 101 12.59 -31.52 -0.08
N PRO A 102 12.74 -31.10 1.19
CA PRO A 102 13.41 -29.82 1.44
C PRO A 102 14.88 -29.76 0.98
N LYS A 103 15.54 -30.92 0.88
CA LYS A 103 16.93 -30.99 0.40
C LYS A 103 17.09 -30.40 -1.00
N TYR A 104 16.04 -30.49 -1.81
CA TYR A 104 16.09 -30.09 -3.21
C TYR A 104 15.38 -28.77 -3.49
N SER A 105 15.01 -28.04 -2.44
CA SER A 105 14.47 -26.71 -2.61
C SER A 105 15.51 -25.78 -3.21
N VAL A 106 15.12 -25.02 -4.23
CA VAL A 106 15.99 -24.01 -4.84
C VAL A 106 15.36 -22.61 -4.86
N ALA A 107 14.18 -22.48 -4.27
CA ALA A 107 13.48 -21.20 -4.29
C ALA A 107 12.68 -20.98 -3.02
N ASN A 108 12.34 -19.73 -2.76
CA ASN A 108 11.55 -19.32 -1.62
C ASN A 108 10.68 -18.16 -2.02
N ASP A 109 9.73 -17.77 -1.18
CA ASP A 109 9.17 -16.44 -1.31
C ASP A 109 8.68 -15.89 0.01
N VAL A 110 8.77 -14.58 0.12
CA VAL A 110 8.43 -13.87 1.34
CA VAL A 110 8.45 -13.83 1.33
C VAL A 110 6.98 -13.39 1.30
N GLY A 111 6.49 -13.07 0.11
CA GLY A 111 5.11 -12.68 -0.09
C GLY A 111 4.80 -12.55 -1.56
N PHE A 112 3.78 -11.78 -1.88
CA PHE A 112 3.45 -11.48 -3.26
C PHE A 112 2.63 -10.21 -3.35
N VAL A 113 2.69 -9.59 -4.52
CA VAL A 113 2.04 -8.31 -4.77
C VAL A 113 1.02 -8.50 -5.88
N ASP A 114 -0.23 -8.11 -5.59
CA ASP A 114 -1.29 -8.07 -6.58
C ASP A 114 -1.31 -6.69 -7.21
N ILE A 115 -1.22 -6.67 -8.54
CA ILE A 115 -1.12 -5.42 -9.29
C ILE A 115 -2.52 -4.87 -9.56
N PRO A 116 -2.70 -3.55 -9.39
CA PRO A 116 -3.99 -2.93 -9.75
C PRO A 116 -4.47 -3.30 -11.15
N LYS A 117 -5.78 -3.35 -11.35
CA LYS A 117 -6.38 -3.88 -12.58
C LYS A 117 -6.36 -2.85 -13.72
N GLN A 118 -5.16 -2.41 -14.10
CA GLN A 118 -4.98 -1.42 -15.17
C GLN A 118 -3.74 -1.76 -15.96
N GLU A 119 -3.81 -1.58 -17.29
CA GLU A 119 -2.67 -1.85 -18.15
C GLU A 119 -1.49 -0.92 -17.89
N LYS A 120 -1.77 0.29 -17.42
CA LYS A 120 -0.72 1.21 -17.00
C LYS A 120 0.10 0.60 -15.86
N ALA A 121 -0.58 0.06 -14.86
CA ALA A 121 0.07 -0.54 -13.69
C ALA A 121 0.81 -1.82 -14.09
N LEU A 122 0.21 -2.62 -14.97
CA LEU A 122 0.89 -3.82 -15.45
C LEU A 122 2.20 -3.47 -16.16
N MET A 123 2.15 -2.44 -17.00
CA MET A 123 3.33 -2.04 -17.78
C MET A 123 4.45 -1.66 -16.85
N LYS A 124 4.14 -0.83 -15.85
CA LYS A 124 5.12 -0.43 -14.84
C LYS A 124 5.75 -1.64 -14.15
N ALA A 125 4.92 -2.62 -13.79
CA ALA A 125 5.41 -3.80 -13.10
C ALA A 125 6.32 -4.62 -14.02
N VAL A 126 5.92 -4.80 -15.27
CA VAL A 126 6.77 -5.54 -16.22
C VAL A 126 8.11 -4.82 -16.41
N ALA A 127 8.08 -3.50 -16.56
CA ALA A 127 9.29 -2.73 -16.76
C ALA A 127 10.24 -2.81 -15.57
N THR A 128 9.69 -2.80 -14.35
CA THR A 128 10.49 -2.55 -13.15
C THR A 128 10.72 -3.76 -12.25
N VAL A 129 9.97 -4.85 -12.46
CA VAL A 129 10.03 -6.01 -11.57
C VAL A 129 10.63 -7.22 -12.29
N GLY A 130 10.04 -7.57 -13.44
CA GLY A 130 10.38 -8.79 -14.12
C GLY A 130 9.13 -9.41 -14.71
N PRO A 131 9.22 -10.67 -15.14
CA PRO A 131 8.05 -11.37 -15.62
C PRO A 131 6.90 -11.41 -14.60
N ILE A 132 5.67 -11.18 -15.08
CA ILE A 132 4.50 -11.02 -14.22
C ILE A 132 3.48 -12.12 -14.51
N SER A 133 2.95 -12.75 -13.47
CA SER A 133 1.87 -13.73 -13.65
C SER A 133 0.56 -13.01 -13.99
N VAL A 134 -0.15 -13.53 -14.99
CA VAL A 134 -1.43 -12.99 -15.41
C VAL A 134 -2.37 -14.12 -15.77
N ALA A 135 -3.66 -13.80 -15.88
CA ALA A 135 -4.64 -14.73 -16.45
C ALA A 135 -5.44 -14.01 -17.52
N ILE A 136 -5.82 -14.75 -18.56
CA ILE A 136 -6.56 -14.22 -19.69
C ILE A 136 -7.69 -15.14 -20.10
N ASP A 137 -8.54 -14.61 -20.97
CA ASP A 137 -9.53 -15.41 -21.69
C ASP A 137 -8.80 -15.99 -22.89
N ALA A 138 -8.48 -17.29 -22.80
CA ALA A 138 -7.79 -18.01 -23.86
C ALA A 138 -8.75 -18.98 -24.56
N GLY A 139 -10.01 -18.94 -24.17
CA GLY A 139 -10.99 -19.93 -24.62
C GLY A 139 -11.64 -19.64 -25.96
N HIS A 140 -10.82 -19.32 -26.95
CA HIS A 140 -11.31 -19.04 -28.30
C HIS A 140 -10.42 -19.73 -29.31
N GLU A 141 -11.04 -20.20 -30.39
CA GLU A 141 -10.33 -20.91 -31.45
C GLU A 141 -9.18 -20.07 -32.03
N SER A 142 -9.42 -18.77 -32.18
CA SER A 142 -8.42 -17.85 -32.71
C SER A 142 -7.14 -17.86 -31.88
N PHE A 143 -7.29 -18.06 -30.58
CA PHE A 143 -6.13 -18.12 -29.69
C PHE A 143 -5.42 -19.47 -29.81
N LEU A 144 -6.19 -20.55 -29.86
CA LEU A 144 -5.61 -21.88 -30.01
C LEU A 144 -4.75 -21.96 -31.27
N PHE A 145 -5.19 -21.30 -32.34
CA PHE A 145 -4.48 -21.35 -33.62
C PHE A 145 -3.62 -20.12 -33.91
N TYR A 146 -3.40 -19.27 -32.91
CA TYR A 146 -2.52 -18.13 -33.07
C TYR A 146 -1.15 -18.60 -33.56
N LYS A 147 -0.60 -17.91 -34.56
CA LYS A 147 0.71 -18.26 -35.13
C LYS A 147 1.71 -17.11 -35.04
N GLU A 148 1.29 -15.91 -35.42
CA GLU A 148 2.17 -14.74 -35.40
C GLU A 148 1.40 -13.42 -35.45
N GLY A 149 2.13 -12.33 -35.28
CA GLY A 149 1.52 -10.99 -35.29
C GLY A 149 0.92 -10.67 -33.94
N ILE A 150 0.14 -9.60 -33.88
CA ILE A 150 -0.49 -9.19 -32.63
C ILE A 150 -1.87 -9.83 -32.53
N TYR A 151 -2.08 -10.61 -31.47
CA TYR A 151 -3.36 -11.24 -31.23
C TYR A 151 -4.39 -10.22 -30.75
N PHE A 152 -5.48 -10.15 -31.50
CA PHE A 152 -6.67 -9.43 -31.09
C PHE A 152 -7.85 -10.25 -31.59
N SER A 153 -8.75 -10.59 -30.68
CA SER A 153 -10.00 -11.24 -31.02
C SER A 153 -11.17 -10.40 -30.56
N SER A 154 -12.12 -10.15 -31.46
CA SER A 154 -13.30 -9.34 -31.15
C SER A 154 -14.14 -9.87 -30.00
N ASP A 155 -14.07 -11.18 -29.77
CA ASP A 155 -14.94 -11.85 -28.80
C ASP A 155 -14.23 -12.18 -27.48
N CYS A 156 -13.06 -11.60 -27.26
CA CYS A 156 -12.32 -11.88 -26.04
C CYS A 156 -13.02 -11.20 -24.86
N SER A 157 -13.02 -11.88 -23.71
CA SER A 157 -13.60 -11.35 -22.49
C SER A 157 -12.51 -10.75 -21.61
N SER A 158 -12.81 -9.62 -20.99
CA SER A 158 -11.93 -9.05 -19.97
C SER A 158 -12.32 -9.49 -18.56
N SER A 159 -13.45 -10.20 -18.42
CA SER A 159 -14.00 -10.57 -17.11
CA SER A 159 -14.00 -10.57 -17.11
C SER A 159 -13.83 -12.05 -16.81
N SER A 160 -14.21 -12.91 -17.76
CA SER A 160 -14.12 -14.35 -17.57
C SER A 160 -12.75 -14.80 -18.05
N LEU A 161 -11.84 -14.99 -17.09
CA LEU A 161 -10.51 -15.45 -17.37
C LEU A 161 -10.50 -16.96 -17.17
N ASN A 162 -9.63 -17.65 -17.89
CA ASN A 162 -9.64 -19.11 -17.90
C ASN A 162 -8.29 -19.75 -18.22
N HIS A 163 -7.21 -18.98 -18.17
CA HIS A 163 -5.90 -19.51 -18.50
C HIS A 163 -4.80 -18.60 -18.00
N ALA A 164 -3.89 -19.14 -17.20
CA ALA A 164 -2.78 -18.36 -16.64
C ALA A 164 -1.59 -18.37 -17.59
N MET A 165 -0.86 -17.26 -17.60
CA MET A 165 0.29 -17.07 -18.48
C MET A 165 1.28 -16.17 -17.77
N LEU A 166 2.36 -15.81 -18.47
CA LEU A 166 3.42 -15.00 -17.88
C LEU A 166 3.81 -13.90 -18.86
N VAL A 167 3.61 -12.63 -18.46
CA VAL A 167 4.05 -11.52 -19.31
C VAL A 167 5.54 -11.31 -19.11
N VAL A 168 6.32 -11.46 -20.19
CA VAL A 168 7.77 -11.35 -20.13
C VAL A 168 8.28 -10.07 -20.82
N GLY A 169 7.36 -9.25 -21.33
CA GLY A 169 7.76 -7.96 -21.86
C GLY A 169 6.63 -7.29 -22.61
N TYR A 170 7.00 -6.30 -23.41
CA TYR A 170 6.05 -5.55 -24.22
C TYR A 170 6.80 -4.82 -25.32
N GLY A 171 6.08 -4.33 -26.31
CA GLY A 171 6.72 -3.59 -27.38
C GLY A 171 5.71 -2.95 -28.31
N PHE A 172 6.19 -2.57 -29.48
CA PHE A 172 5.35 -1.94 -30.51
C PHE A 172 5.80 -2.35 -31.91
N ILE A 173 4.88 -2.27 -32.87
CA ILE A 173 5.17 -2.61 -34.26
C ILE A 173 5.39 -1.33 -35.07
N SER A 174 6.13 -1.44 -36.17
CA SER A 174 6.43 -0.30 -37.04
C SER A 174 5.17 0.30 -37.64
N GLN A 177 -0.86 -0.44 -32.08
CA GLN A 177 0.30 -1.16 -32.58
C GLN A 177 1.19 -1.65 -31.44
N LYS A 178 0.69 -1.61 -30.20
CA LYS A 178 1.46 -2.05 -29.04
C LYS A 178 1.04 -3.46 -28.64
N TYR A 179 1.96 -4.18 -28.01
CA TYR A 179 1.66 -5.53 -27.58
C TYR A 179 2.35 -5.92 -26.28
N TRP A 180 1.76 -6.91 -25.62
CA TRP A 180 2.39 -7.62 -24.51
C TRP A 180 3.06 -8.87 -25.07
N LEU A 181 4.25 -9.20 -24.55
CA LEU A 181 4.92 -10.44 -24.93
C LEU A 181 4.63 -11.45 -23.81
N VAL A 182 3.93 -12.52 -24.17
CA VAL A 182 3.38 -13.44 -23.19
C VAL A 182 3.82 -14.89 -23.44
N LYS A 183 4.35 -15.50 -22.39
CA LYS A 183 4.80 -16.89 -22.39
C LYS A 183 3.63 -17.78 -22.05
N ASN A 184 3.39 -18.77 -22.91
CA ASN A 184 2.38 -19.78 -22.65
C ASN A 184 3.04 -21.06 -22.13
N SER A 185 2.22 -22.07 -21.85
CA SER A 185 2.67 -23.36 -21.35
C SER A 185 2.11 -24.47 -22.23
N TRP A 186 2.08 -24.25 -23.54
CA TRP A 186 1.57 -25.23 -24.51
C TRP A 186 2.66 -25.74 -25.45
N GLY A 187 3.90 -25.70 -24.98
CA GLY A 187 5.05 -26.15 -25.75
C GLY A 187 5.56 -25.10 -26.71
N GLU A 188 6.76 -25.34 -27.24
CA GLU A 188 7.41 -24.37 -28.10
C GLU A 188 6.85 -24.32 -29.52
N GLU A 189 6.07 -25.32 -29.92
CA GLU A 189 5.51 -25.35 -31.27
C GLU A 189 4.29 -24.44 -31.42
N TRP A 190 3.61 -24.12 -30.32
CA TRP A 190 2.46 -23.23 -30.35
C TRP A 190 2.89 -21.76 -30.48
N GLY A 191 2.16 -21.01 -31.28
CA GLY A 191 2.41 -19.57 -31.43
C GLY A 191 3.79 -19.27 -31.96
N MET A 192 4.42 -18.23 -31.41
CA MET A 192 5.75 -17.82 -31.83
C MET A 192 6.76 -18.42 -30.87
N GLY A 193 7.15 -19.65 -31.14
CA GLY A 193 8.07 -20.37 -30.25
C GLY A 193 7.54 -20.55 -28.84
N GLY A 194 6.21 -20.62 -28.72
CA GLY A 194 5.57 -20.80 -27.43
C GLY A 194 5.06 -19.52 -26.80
N TYR A 195 5.26 -18.40 -27.52
CA TYR A 195 4.87 -17.07 -27.04
C TYR A 195 3.76 -16.47 -27.92
N VAL A 196 3.04 -15.49 -27.37
CA VAL A 196 2.05 -14.73 -28.12
C VAL A 196 2.24 -13.24 -27.85
N LYS A 197 2.12 -12.43 -28.91
CA LYS A 197 2.05 -10.98 -28.78
C LYS A 197 0.56 -10.63 -28.67
N MET A 198 0.15 -10.12 -27.51
CA MET A 198 -1.26 -9.78 -27.30
CA MET A 198 -1.26 -9.79 -27.23
C MET A 198 -1.47 -8.28 -27.31
N ALA A 199 -2.58 -7.85 -27.91
CA ALA A 199 -2.90 -6.43 -28.03
C ALA A 199 -2.79 -5.71 -26.68
N LYS A 200 -2.01 -4.64 -26.67
CA LYS A 200 -1.76 -3.84 -25.46
C LYS A 200 -2.39 -2.45 -25.60
N ASP A 201 -2.98 -1.97 -24.50
CA ASP A 201 -3.62 -0.65 -24.43
C ASP A 201 -4.81 -0.56 -25.38
N ARG A 202 -5.52 -1.67 -25.52
CA ARG A 202 -6.76 -1.74 -26.27
C ARG A 202 -7.85 -2.24 -25.33
N ARG A 203 -8.12 -1.43 -24.31
CA ARG A 203 -9.17 -1.70 -23.31
C ARG A 203 -8.98 -3.05 -22.61
N ASN A 204 -7.78 -3.29 -22.11
CA ASN A 204 -7.49 -4.49 -21.33
C ASN A 204 -7.97 -5.74 -22.06
N HIS A 205 -7.48 -5.90 -23.29
CA HIS A 205 -7.93 -6.96 -24.17
C HIS A 205 -7.65 -8.34 -23.59
N CYS A 206 -8.68 -9.19 -23.58
CA CYS A 206 -8.64 -10.54 -22.99
C CYS A 206 -8.36 -10.57 -21.48
N GLY A 207 -8.43 -9.43 -20.82
CA GLY A 207 -8.32 -9.37 -19.36
C GLY A 207 -6.91 -9.49 -18.84
N ILE A 208 -5.93 -9.13 -19.66
CA ILE A 208 -4.52 -9.36 -19.34
C ILE A 208 -4.06 -8.65 -18.06
N ALA A 209 -4.68 -7.51 -17.73
CA ALA A 209 -4.31 -6.76 -16.52
C ALA A 209 -5.22 -7.06 -15.32
N SER A 210 -6.17 -7.98 -15.48
CA SER A 210 -7.23 -8.20 -14.47
C SER A 210 -6.86 -9.10 -13.29
N ALA A 211 -5.79 -9.89 -13.43
CA ALA A 211 -5.40 -10.85 -12.40
C ALA A 211 -3.88 -11.00 -12.39
N ALA A 212 -3.19 -9.86 -12.36
CA ALA A 212 -1.74 -9.84 -12.46
C ALA A 212 -1.11 -9.77 -11.07
N SER A 213 -0.01 -10.49 -10.87
CA SER A 213 0.69 -10.49 -9.59
C SER A 213 2.09 -11.05 -9.77
N TYR A 214 2.93 -10.83 -8.75
CA TYR A 214 4.27 -11.39 -8.75
C TYR A 214 4.72 -11.68 -7.32
N PRO A 215 5.63 -12.64 -7.16
CA PRO A 215 6.13 -12.97 -5.83
C PRO A 215 7.26 -12.05 -5.42
N THR A 216 7.41 -11.87 -4.11
CA THR A 216 8.59 -11.22 -3.58
C THR A 216 9.42 -12.30 -2.91
N VAL A 217 10.73 -12.28 -3.11
CA VAL A 217 11.61 -13.35 -2.67
C VAL A 217 12.75 -12.82 -1.81
N ALA B 1 -11.98 -6.12 18.76
CA ALA B 1 -12.53 -6.73 17.52
C ALA B 1 -13.77 -7.56 17.85
N PRO B 2 -14.94 -7.17 17.30
CA PRO B 2 -16.18 -7.82 17.70
C PRO B 2 -16.30 -9.27 17.21
N ARG B 3 -16.93 -10.10 18.02
CA ARG B 3 -17.11 -11.52 17.73
C ARG B 3 -18.24 -11.72 16.72
N SER B 4 -19.19 -10.79 16.71
CA SER B 4 -20.32 -10.82 15.80
C SER B 4 -20.49 -9.45 15.17
N VAL B 5 -20.71 -9.43 13.85
CA VAL B 5 -20.96 -8.21 13.09
C VAL B 5 -22.13 -8.46 12.15
N ASP B 6 -23.06 -7.51 12.10
CA ASP B 6 -24.16 -7.57 11.13
C ASP B 6 -24.52 -6.15 10.71
N TRP B 7 -24.00 -5.73 9.57
CA TRP B 7 -24.23 -4.37 9.06
C TRP B 7 -25.69 -4.07 8.74
N ARG B 8 -26.53 -5.09 8.58
CA ARG B 8 -27.96 -4.86 8.40
C ARG B 8 -28.55 -4.10 9.59
N GLU B 9 -28.04 -4.36 10.78
CA GLU B 9 -28.54 -3.72 12.00
C GLU B 9 -28.22 -2.23 12.07
N LYS B 10 -27.26 -1.78 11.26
CA LYS B 10 -26.78 -0.39 11.31
C LYS B 10 -27.27 0.46 10.13
N GLY B 11 -28.06 -0.12 9.24
CA GLY B 11 -28.66 0.62 8.13
C GLY B 11 -27.85 0.63 6.85
N TYR B 12 -26.83 -0.23 6.76
CA TYR B 12 -25.91 -0.23 5.62
C TYR B 12 -26.41 -1.03 4.42
N VAL B 13 -27.50 -1.78 4.58
CA VAL B 13 -27.84 -2.83 3.63
C VAL B 13 -29.29 -2.71 3.15
N THR B 14 -29.47 -2.63 1.83
CA THR B 14 -30.80 -2.55 1.23
C THR B 14 -31.44 -3.94 1.27
N PRO B 15 -32.77 -4.01 1.10
CA PRO B 15 -33.43 -5.31 0.98
C PRO B 15 -32.84 -6.17 -0.11
N VAL B 16 -33.05 -7.48 0.00
CA VAL B 16 -32.57 -8.43 -0.98
C VAL B 16 -33.22 -8.19 -2.34
N LYS B 17 -32.39 -8.20 -3.38
CA LYS B 17 -32.85 -8.00 -4.74
C LYS B 17 -32.82 -9.35 -5.45
N ASN B 18 -33.28 -9.36 -6.69
CA ASN B 18 -33.36 -10.58 -7.49
C ASN B 18 -32.85 -10.31 -8.90
N GLN B 19 -31.72 -10.92 -9.23
CA GLN B 19 -31.09 -10.75 -10.53
C GLN B 19 -31.84 -11.45 -11.65
N GLY B 20 -32.76 -12.35 -11.29
CA GLY B 20 -33.50 -13.11 -12.28
C GLY B 20 -32.57 -13.97 -13.11
N GLN B 21 -32.89 -14.12 -14.39
CA GLN B 21 -32.15 -15.00 -15.28
C GLN B 21 -31.02 -14.27 -16.04
N CYS B 22 -30.67 -13.06 -15.58
CA CYS B 22 -29.54 -12.31 -16.12
C CYS B 22 -28.31 -12.54 -15.24
N GLY B 23 -27.21 -12.96 -15.85
CA GLY B 23 -26.00 -13.35 -15.11
C GLY B 23 -25.19 -12.16 -14.68
N ALA B 24 -25.79 -11.32 -13.85
CA ALA B 24 -25.16 -10.05 -13.43
C ALA B 24 -24.96 -9.94 -11.91
N SER B 25 -24.60 -11.04 -11.24
CA SER B 25 -24.31 -10.96 -9.80
C SER B 25 -23.24 -9.91 -9.50
N TYR B 26 -22.28 -9.72 -10.40
CA TYR B 26 -21.23 -8.71 -10.20
C TYR B 26 -21.84 -7.32 -9.94
N ALA B 27 -22.94 -7.02 -10.64
CA ALA B 27 -23.59 -5.73 -10.53
C ALA B 27 -24.30 -5.56 -9.18
N PHE B 28 -24.91 -6.64 -8.70
CA PHE B 28 -25.57 -6.64 -7.39
C PHE B 28 -24.58 -6.57 -6.24
N SER B 29 -23.47 -7.31 -6.37
CA SER B 29 -22.41 -7.24 -5.39
C SER B 29 -21.86 -5.81 -5.31
N ALA B 30 -21.65 -5.19 -6.47
CA ALA B 30 -21.06 -3.85 -6.53
C ALA B 30 -22.01 -2.80 -5.97
N THR B 31 -23.28 -2.85 -6.34
CA THR B 31 -24.24 -1.89 -5.78
C THR B 31 -24.39 -2.09 -4.28
N GLY B 32 -24.34 -3.34 -3.83
CA GLY B 32 -24.39 -3.63 -2.40
C GLY B 32 -23.25 -2.97 -1.64
N ALA B 33 -22.02 -3.13 -2.13
CA ALA B 33 -20.86 -2.54 -1.44
C ALA B 33 -20.93 -1.02 -1.48
N LEU B 34 -21.32 -0.46 -2.62
CA LEU B 34 -21.43 0.99 -2.77
C LEU B 34 -22.55 1.56 -1.90
N GLU B 35 -23.67 0.84 -1.79
CA GLU B 35 -24.75 1.24 -0.88
C GLU B 35 -24.24 1.39 0.55
N GLY B 36 -23.40 0.45 0.99
CA GLY B 36 -22.83 0.48 2.32
C GLY B 36 -21.90 1.66 2.53
N GLN B 37 -20.96 1.85 1.61
CA GLN B 37 -19.98 2.94 1.73
C GLN B 37 -20.58 4.32 1.55
N MET B 38 -21.58 4.45 0.69
CA MET B 38 -22.32 5.71 0.60
C MET B 38 -23.05 6.02 1.91
N PHE B 39 -23.64 4.99 2.54
CA PHE B 39 -24.30 5.21 3.83
C PHE B 39 -23.29 5.64 4.90
N ARG B 40 -22.14 4.99 4.92
CA ARG B 40 -21.06 5.34 5.85
C ARG B 40 -20.71 6.81 5.72
N LYS B 41 -20.73 7.32 4.49
CA LYS B 41 -20.36 8.70 4.21
C LYS B 41 -21.48 9.71 4.50
N THR B 42 -22.71 9.40 4.09
CA THR B 42 -23.81 10.38 4.11
C THR B 42 -24.90 10.14 5.14
N GLY B 43 -24.94 8.94 5.72
CA GLY B 43 -26.03 8.54 6.63
C GLY B 43 -27.36 8.27 5.94
N ARG B 44 -27.33 8.12 4.61
CA ARG B 44 -28.53 7.84 3.83
C ARG B 44 -28.32 6.58 3.01
N LEU B 45 -29.21 5.59 3.20
CA LEU B 45 -29.17 4.35 2.43
C LEU B 45 -30.09 4.52 1.22
N ILE B 46 -29.50 4.49 0.03
CA ILE B 46 -30.26 4.65 -1.21
C ILE B 46 -29.90 3.52 -2.15
N SER B 47 -30.91 2.77 -2.58
CA SER B 47 -30.72 1.65 -3.49
C SER B 47 -30.19 2.14 -4.83
N LEU B 48 -29.17 1.45 -5.33
CA LEU B 48 -28.46 1.83 -6.55
C LEU B 48 -28.80 0.91 -7.73
N SER B 49 -28.60 1.42 -8.95
CA SER B 49 -29.05 0.76 -10.17
C SER B 49 -28.08 -0.28 -10.73
N GLU B 50 -28.47 -1.56 -10.66
CA GLU B 50 -27.69 -2.63 -11.29
C GLU B 50 -27.76 -2.52 -12.81
N GLN B 51 -28.92 -2.11 -13.33
CA GLN B 51 -29.10 -1.98 -14.78
C GLN B 51 -28.13 -0.96 -15.37
N ASN B 52 -27.93 0.14 -14.66
CA ASN B 52 -26.91 1.14 -14.99
C ASN B 52 -25.55 0.47 -15.24
N LEU B 53 -25.18 -0.43 -14.34
CA LEU B 53 -23.91 -1.16 -14.47
C LEU B 53 -23.96 -2.18 -15.62
N VAL B 54 -25.07 -2.90 -15.75
CA VAL B 54 -25.23 -3.89 -16.82
C VAL B 54 -25.17 -3.23 -18.22
N ASP B 55 -25.78 -2.07 -18.36
CA ASP B 55 -25.85 -1.36 -19.65
C ASP B 55 -24.61 -0.53 -20.00
N CYS B 56 -23.93 -0.01 -18.98
CA CYS B 56 -22.92 1.05 -19.21
C CYS B 56 -21.46 0.72 -18.89
N SER B 57 -21.21 -0.35 -18.15
CA SER B 57 -19.83 -0.66 -17.70
C SER B 57 -19.05 -1.60 -18.64
N GLY B 58 -19.49 -1.69 -19.89
CA GLY B 58 -18.79 -2.48 -20.90
C GLY B 58 -17.38 -2.00 -21.20
N PRO B 59 -17.18 -0.68 -21.35
CA PRO B 59 -15.82 -0.14 -21.56
C PRO B 59 -14.81 -0.52 -20.47
N GLN B 60 -15.30 -0.67 -19.23
CA GLN B 60 -14.44 -1.03 -18.10
C GLN B 60 -14.18 -2.53 -18.02
N GLY B 61 -14.91 -3.32 -18.82
CA GLY B 61 -14.64 -4.75 -18.96
C GLY B 61 -15.80 -5.69 -18.69
N ASN B 62 -16.95 -5.18 -18.27
CA ASN B 62 -18.08 -6.06 -17.96
C ASN B 62 -18.83 -6.49 -19.20
N GLU B 63 -19.63 -7.54 -19.07
CA GLU B 63 -20.28 -8.18 -20.21
C GLU B 63 -21.78 -8.36 -20.03
N GLY B 64 -22.44 -7.32 -19.50
CA GLY B 64 -23.89 -7.31 -19.37
C GLY B 64 -24.41 -8.44 -18.51
N CYS B 65 -25.24 -9.29 -19.09
CA CYS B 65 -25.80 -10.45 -18.38
C CYS B 65 -24.92 -11.69 -18.50
N ASN B 66 -23.76 -11.56 -19.14
CA ASN B 66 -22.84 -12.68 -19.30
C ASN B 66 -21.63 -12.59 -18.37
N GLY B 67 -21.66 -11.66 -17.42
CA GLY B 67 -20.64 -11.62 -16.37
C GLY B 67 -19.92 -10.30 -16.28
N GLY B 68 -19.04 -10.20 -15.31
CA GLY B 68 -18.29 -8.98 -15.05
C GLY B 68 -17.58 -9.07 -13.73
N LEU B 69 -16.84 -8.02 -13.37
CA LEU B 69 -16.15 -7.95 -12.09
C LEU B 69 -16.62 -6.73 -11.32
N MET B 70 -16.79 -6.89 -10.00
CA MET B 70 -17.18 -5.77 -9.14
C MET B 70 -16.22 -4.59 -9.28
N ASP B 71 -14.93 -4.88 -9.40
CA ASP B 71 -13.94 -3.82 -9.54
C ASP B 71 -14.15 -3.01 -10.83
N TYR B 72 -14.60 -3.66 -11.89
CA TYR B 72 -14.91 -2.98 -13.15
C TYR B 72 -16.12 -2.08 -12.99
N ALA B 73 -17.07 -2.52 -12.17
CA ALA B 73 -18.23 -1.71 -11.83
C ALA B 73 -17.81 -0.47 -11.02
N PHE B 74 -16.94 -0.67 -10.03
CA PHE B 74 -16.41 0.45 -9.26
C PHE B 74 -15.65 1.42 -10.15
N GLN B 75 -14.84 0.89 -11.06
CA GLN B 75 -14.12 1.71 -12.02
C GLN B 75 -15.06 2.52 -12.91
N TYR B 76 -16.15 1.90 -13.36
CA TYR B 76 -17.14 2.61 -14.16
C TYR B 76 -17.70 3.81 -13.42
N VAL B 77 -18.07 3.62 -12.15
CA VAL B 77 -18.67 4.71 -11.38
C VAL B 77 -17.67 5.86 -11.21
N GLN B 78 -16.40 5.50 -11.01
CA GLN B 78 -15.32 6.48 -10.92
C GLN B 78 -15.14 7.23 -12.24
N ASP B 79 -15.00 6.49 -13.34
CA ASP B 79 -14.84 7.08 -14.68
C ASP B 79 -16.03 7.97 -15.01
N ASN B 80 -17.22 7.47 -14.71
CA ASN B 80 -18.47 8.12 -15.08
C ASN B 80 -18.83 9.31 -14.20
N GLY B 81 -18.26 9.36 -13.00
CA GLY B 81 -18.54 10.45 -12.06
C GLY B 81 -19.88 10.29 -11.35
N GLY B 82 -20.46 9.09 -11.39
CA GLY B 82 -21.75 8.87 -10.75
C GLY B 82 -22.42 7.55 -11.08
N LEU B 83 -23.50 7.27 -10.37
CA LEU B 83 -24.33 6.09 -10.60
C LEU B 83 -25.76 6.43 -10.23
N ASP B 84 -26.69 6.07 -11.11
CA ASP B 84 -28.09 6.38 -10.90
C ASP B 84 -28.71 5.53 -9.81
N SER B 85 -29.75 6.07 -9.18
CA SER B 85 -30.52 5.33 -8.21
C SER B 85 -31.29 4.19 -8.88
N GLU B 86 -31.60 3.17 -8.09
CA GLU B 86 -32.44 2.06 -8.54
C GLU B 86 -33.79 2.58 -9.03
N GLU B 87 -34.36 3.53 -8.29
CA GLU B 87 -35.66 4.08 -8.64
C GLU B 87 -35.68 4.72 -10.03
N SER B 88 -34.61 5.43 -10.37
CA SER B 88 -34.51 6.16 -11.63
C SER B 88 -34.17 5.28 -12.83
N TYR B 89 -33.48 4.17 -12.56
CA TYR B 89 -32.94 3.30 -13.61
C TYR B 89 -33.18 1.84 -13.19
N PRO B 90 -34.45 1.39 -13.28
CA PRO B 90 -34.84 0.11 -12.67
C PRO B 90 -34.27 -1.11 -13.37
N TYR B 91 -34.27 -2.24 -12.67
CA TYR B 91 -33.66 -3.47 -13.16
C TYR B 91 -34.61 -4.23 -14.07
N GLU B 92 -34.11 -4.64 -15.24
CA GLU B 92 -34.91 -5.33 -16.25
C GLU B 92 -34.44 -6.75 -16.58
N ALA B 93 -33.29 -7.15 -16.03
CA ALA B 93 -32.75 -8.51 -16.18
C ALA B 93 -32.45 -8.88 -17.63
N THR B 94 -32.04 -7.89 -18.41
CA THR B 94 -31.64 -8.11 -19.78
C THR B 94 -30.79 -6.93 -20.22
N GLU B 95 -29.79 -7.19 -21.06
CA GLU B 95 -28.86 -6.15 -21.46
C GLU B 95 -29.50 -5.21 -22.48
N GLU B 96 -29.30 -3.92 -22.28
CA GLU B 96 -29.85 -2.90 -23.18
C GLU B 96 -28.79 -1.78 -23.29
N SER B 97 -29.07 -0.77 -24.10
CA SER B 97 -28.12 0.34 -24.29
C SER B 97 -28.05 1.20 -23.03
N CYS B 98 -26.92 1.88 -22.84
CA CYS B 98 -26.71 2.75 -21.67
C CYS B 98 -27.63 3.96 -21.67
N LYS B 99 -28.37 4.13 -20.58
CA LYS B 99 -29.32 5.23 -20.42
C LYS B 99 -28.99 6.08 -19.21
N TYR B 100 -27.73 6.11 -18.80
CA TYR B 100 -27.30 6.92 -17.66
C TYR B 100 -27.76 8.36 -17.81
N ASN B 101 -28.32 8.91 -16.73
CA ASN B 101 -28.69 10.30 -16.65
C ASN B 101 -28.05 10.93 -15.41
N PRO B 102 -27.14 11.91 -15.59
CA PRO B 102 -26.42 12.46 -14.43
C PRO B 102 -27.32 13.18 -13.42
N LYS B 103 -28.47 13.67 -13.88
CA LYS B 103 -29.45 14.31 -13.00
C LYS B 103 -29.89 13.39 -11.85
N TYR B 104 -29.89 12.08 -12.09
CA TYR B 104 -30.38 11.10 -11.12
C TYR B 104 -29.27 10.32 -10.40
N SER B 105 -28.03 10.79 -10.52
CA SER B 105 -26.92 10.17 -9.81
C SER B 105 -27.06 10.42 -8.31
N VAL B 106 -26.88 9.36 -7.53
CA VAL B 106 -26.92 9.44 -6.08
C VAL B 106 -25.68 8.83 -5.40
N ALA B 107 -24.71 8.38 -6.21
CA ALA B 107 -23.51 7.74 -5.69
C ALA B 107 -22.29 8.14 -6.50
N ASN B 108 -21.13 7.94 -5.90
CA ASN B 108 -19.85 8.18 -6.53
C ASN B 108 -18.84 7.20 -5.97
N ASP B 109 -17.69 7.09 -6.62
CA ASP B 109 -16.54 6.51 -5.95
C ASP B 109 -15.22 7.08 -6.43
N VAL B 110 -14.26 7.06 -5.53
CA VAL B 110 -12.95 7.64 -5.75
C VAL B 110 -11.98 6.54 -6.18
N GLY B 111 -12.20 5.32 -5.72
CA GLY B 111 -11.39 4.18 -6.09
C GLY B 111 -11.96 2.89 -5.53
N PHE B 112 -11.10 1.89 -5.37
CA PHE B 112 -11.50 0.64 -4.74
C PHE B 112 -10.28 -0.11 -4.23
N VAL B 113 -10.48 -0.89 -3.16
CA VAL B 113 -9.42 -1.65 -2.51
C VAL B 113 -9.69 -3.13 -2.70
N ASP B 114 -8.69 -3.85 -3.21
CA ASP B 114 -8.71 -5.30 -3.24
C ASP B 114 -8.09 -5.84 -1.96
N ILE B 115 -8.82 -6.71 -1.28
CA ILE B 115 -8.39 -7.24 0.00
C ILE B 115 -7.52 -8.47 -0.24
N PRO B 116 -6.43 -8.63 0.54
CA PRO B 116 -5.59 -9.83 0.43
C PRO B 116 -6.39 -11.12 0.55
N LYS B 117 -5.92 -12.18 -0.09
CA LYS B 117 -6.70 -13.42 -0.22
C LYS B 117 -6.60 -14.31 1.03
N GLN B 118 -7.05 -13.77 2.17
CA GLN B 118 -7.04 -14.48 3.44
C GLN B 118 -8.32 -14.16 4.21
N GLU B 119 -8.85 -15.14 4.93
CA GLU B 119 -10.04 -14.92 5.75
C GLU B 119 -9.79 -13.96 6.92
N LYS B 120 -8.54 -13.92 7.40
CA LYS B 120 -8.14 -12.95 8.42
C LYS B 120 -8.33 -11.52 7.92
N ALA B 121 -7.84 -11.26 6.71
CA ALA B 121 -7.93 -9.95 6.09
C ALA B 121 -9.38 -9.60 5.78
N LEU B 122 -10.14 -10.57 5.28
CA LEU B 122 -11.56 -10.34 4.99
C LEU B 122 -12.32 -9.98 6.26
N MET B 123 -12.03 -10.67 7.37
CA MET B 123 -12.72 -10.41 8.62
C MET B 123 -12.46 -8.99 9.10
N LYS B 124 -11.20 -8.57 9.03
CA LYS B 124 -10.81 -7.22 9.42
C LYS B 124 -11.58 -6.19 8.58
N ALA B 125 -11.68 -6.44 7.28
CA ALA B 125 -12.37 -5.51 6.39
C ALA B 125 -13.87 -5.46 6.70
N VAL B 126 -14.49 -6.61 6.91
CA VAL B 126 -15.92 -6.62 7.26
C VAL B 126 -16.15 -5.87 8.59
N ALA B 127 -15.29 -6.10 9.57
CA ALA B 127 -15.44 -5.45 10.85
C ALA B 127 -15.26 -3.92 10.78
N THR B 128 -14.34 -3.44 9.95
CA THR B 128 -13.91 -2.04 10.00
C THR B 128 -14.38 -1.16 8.84
N VAL B 129 -14.88 -1.76 7.76
CA VAL B 129 -15.25 -1.00 6.56
C VAL B 129 -16.76 -0.98 6.36
N GLY B 130 -17.36 -2.16 6.31
CA GLY B 130 -18.76 -2.31 5.93
C GLY B 130 -18.91 -3.54 5.08
N PRO B 131 -20.06 -3.71 4.45
CA PRO B 131 -20.28 -4.81 3.52
C PRO B 131 -19.20 -4.89 2.45
N ILE B 132 -18.74 -6.11 2.17
CA ILE B 132 -17.62 -6.36 1.25
C ILE B 132 -18.09 -7.21 0.06
N SER B 133 -17.72 -6.80 -1.14
CA SER B 133 -17.99 -7.58 -2.35
C SER B 133 -17.06 -8.79 -2.38
N VAL B 134 -17.63 -9.97 -2.67
CA VAL B 134 -16.86 -11.21 -2.75
C VAL B 134 -17.40 -12.03 -3.91
N ALA B 135 -16.63 -13.03 -4.32
CA ALA B 135 -17.13 -14.06 -5.25
C ALA B 135 -16.84 -15.43 -4.66
N ILE B 136 -17.74 -16.38 -4.92
CA ILE B 136 -17.61 -17.74 -4.38
C ILE B 136 -17.90 -18.77 -5.43
N ASP B 137 -17.61 -20.01 -5.10
CA ASP B 137 -18.10 -21.16 -5.85
C ASP B 137 -19.51 -21.46 -5.35
N ALA B 138 -20.51 -21.09 -6.14
CA ALA B 138 -21.92 -21.31 -5.82
C ALA B 138 -22.51 -22.40 -6.69
N GLY B 139 -21.66 -23.07 -7.46
CA GLY B 139 -22.13 -23.99 -8.49
C GLY B 139 -22.30 -25.40 -7.97
N HIS B 140 -23.05 -25.55 -6.88
CA HIS B 140 -23.39 -26.86 -6.34
C HIS B 140 -24.84 -26.88 -5.93
N GLU B 141 -25.49 -28.01 -6.17
CA GLU B 141 -26.91 -28.17 -5.87
C GLU B 141 -27.21 -27.82 -4.41
N SER B 142 -26.33 -28.25 -3.51
CA SER B 142 -26.49 -28.00 -2.08
C SER B 142 -26.63 -26.51 -1.77
N PHE B 143 -25.96 -25.65 -2.55
CA PHE B 143 -26.07 -24.21 -2.38
C PHE B 143 -27.42 -23.69 -2.87
N LEU B 144 -27.89 -24.23 -3.98
CA LEU B 144 -29.19 -23.81 -4.54
C LEU B 144 -30.30 -24.07 -3.52
N PHE B 145 -30.20 -25.19 -2.81
CA PHE B 145 -31.23 -25.60 -1.86
C PHE B 145 -30.90 -25.26 -0.40
N TYR B 146 -29.90 -24.40 -0.18
CA TYR B 146 -29.59 -23.96 1.17
C TYR B 146 -30.83 -23.32 1.80
N LYS B 147 -31.13 -23.70 3.05
CA LYS B 147 -32.28 -23.13 3.77
C LYS B 147 -31.88 -22.48 5.08
N GLU B 148 -31.10 -23.20 5.88
CA GLU B 148 -30.71 -22.70 7.20
C GLU B 148 -29.43 -23.36 7.72
N GLY B 149 -28.89 -22.78 8.79
CA GLY B 149 -27.65 -23.26 9.38
C GLY B 149 -26.44 -22.76 8.63
N ILE B 150 -25.28 -23.34 8.92
CA ILE B 150 -24.03 -22.94 8.28
C ILE B 150 -23.77 -23.81 7.07
N TYR B 151 -23.68 -23.18 5.90
CA TYR B 151 -23.42 -23.89 4.66
C TYR B 151 -21.98 -24.39 4.57
N PHE B 152 -21.84 -25.67 4.28
CA PHE B 152 -20.55 -26.28 3.99
C PHE B 152 -20.76 -27.39 2.98
N SER B 153 -20.02 -27.34 1.87
CA SER B 153 -19.98 -28.40 0.88
C SER B 153 -18.55 -28.93 0.75
N SER B 154 -18.38 -30.24 0.81
CA SER B 154 -17.06 -30.85 0.68
C SER B 154 -16.45 -30.70 -0.72
N ASP B 155 -17.29 -30.36 -1.69
CA ASP B 155 -16.84 -30.23 -3.09
C ASP B 155 -16.62 -28.78 -3.51
N CYS B 156 -16.66 -27.85 -2.55
CA CYS B 156 -16.57 -26.44 -2.92
C CYS B 156 -15.13 -26.06 -3.28
N SER B 157 -14.99 -25.27 -4.34
CA SER B 157 -13.68 -24.82 -4.82
C SER B 157 -13.33 -23.47 -4.20
N SER B 158 -12.07 -23.31 -3.84
CA SER B 158 -11.53 -22.02 -3.40
C SER B 158 -10.90 -21.25 -4.57
N SER B 159 -10.79 -21.89 -5.74
CA SER B 159 -10.11 -21.31 -6.90
CA SER B 159 -10.11 -21.31 -6.91
C SER B 159 -11.08 -20.91 -8.01
N SER B 160 -12.02 -21.79 -8.33
CA SER B 160 -12.98 -21.55 -9.40
C SER B 160 -14.22 -20.90 -8.83
N LEU B 161 -14.32 -19.59 -9.00
CA LEU B 161 -15.43 -18.81 -8.50
C LEU B 161 -16.39 -18.55 -9.66
N ASN B 162 -17.68 -18.44 -9.36
CA ASN B 162 -18.71 -18.32 -10.39
C ASN B 162 -19.93 -17.50 -9.99
N HIS B 163 -19.89 -16.84 -8.83
CA HIS B 163 -21.04 -16.09 -8.36
C HIS B 163 -20.63 -15.03 -7.35
N ALA B 164 -20.98 -13.78 -7.62
CA ALA B 164 -20.63 -12.66 -6.73
C ALA B 164 -21.70 -12.46 -5.68
N MET B 165 -21.27 -12.04 -4.49
CA MET B 165 -22.16 -11.85 -3.36
C MET B 165 -21.63 -10.70 -2.51
N LEU B 166 -22.27 -10.46 -1.37
CA LEU B 166 -21.91 -9.36 -0.48
C LEU B 166 -21.83 -9.88 0.94
N VAL B 167 -20.65 -9.83 1.55
CA VAL B 167 -20.52 -10.18 2.97
C VAL B 167 -20.96 -9.00 3.83
N VAL B 168 -22.02 -9.20 4.60
CA VAL B 168 -22.58 -8.14 5.44
C VAL B 168 -22.28 -8.34 6.91
N GLY B 169 -21.51 -9.37 7.24
CA GLY B 169 -21.12 -9.59 8.62
C GLY B 169 -20.57 -10.97 8.83
N TYR B 170 -20.47 -11.36 10.10
CA TYR B 170 -19.97 -12.67 10.48
C TYR B 170 -20.40 -12.97 11.91
N GLY B 171 -20.34 -14.24 12.30
CA GLY B 171 -20.74 -14.63 13.64
C GLY B 171 -20.33 -16.04 13.97
N PHE B 172 -20.97 -16.60 14.99
CA PHE B 172 -20.63 -17.94 15.49
C PHE B 172 -21.83 -18.57 16.21
N ILE B 173 -21.83 -19.90 16.27
CA ILE B 173 -22.90 -20.68 16.89
C ILE B 173 -22.55 -21.11 18.31
N SER B 174 -23.57 -21.32 19.14
CA SER B 174 -23.40 -21.82 20.50
C SER B 174 -23.19 -23.33 20.50
N GLN B 177 -17.60 -23.53 14.20
CA GLN B 177 -18.89 -22.96 14.55
C GLN B 177 -19.11 -21.57 13.92
N LYS B 178 -18.12 -21.07 13.17
CA LYS B 178 -18.14 -19.69 12.70
C LYS B 178 -18.71 -19.58 11.29
N TYR B 179 -19.27 -18.42 10.96
CA TYR B 179 -19.85 -18.21 9.65
C TYR B 179 -19.72 -16.77 9.17
N TRP B 180 -19.75 -16.62 7.85
CA TRP B 180 -19.92 -15.32 7.21
C TRP B 180 -21.41 -15.15 6.93
N LEU B 181 -21.91 -13.94 7.13
CA LEU B 181 -23.28 -13.60 6.77
C LEU B 181 -23.21 -12.95 5.40
N VAL B 182 -23.84 -13.60 4.43
CA VAL B 182 -23.68 -13.23 3.03
C VAL B 182 -25.03 -13.02 2.35
N LYS B 183 -25.14 -11.86 1.71
CA LYS B 183 -26.30 -11.44 0.95
C LYS B 183 -26.19 -11.96 -0.47
N ASN B 184 -27.23 -12.66 -0.91
CA ASN B 184 -27.34 -13.13 -2.28
C ASN B 184 -28.25 -12.19 -3.05
N SER B 185 -28.41 -12.46 -4.35
CA SER B 185 -29.25 -11.67 -5.23
C SER B 185 -30.24 -12.58 -5.94
N TRP B 186 -30.79 -13.53 -5.19
CA TRP B 186 -31.73 -14.50 -5.72
C TRP B 186 -33.12 -14.35 -5.09
N GLY B 187 -33.42 -13.14 -4.62
CA GLY B 187 -34.71 -12.85 -4.00
C GLY B 187 -34.74 -13.25 -2.55
N GLU B 188 -35.76 -12.78 -1.83
CA GLU B 188 -35.83 -12.96 -0.39
C GLU B 188 -36.31 -14.34 0.02
N GLU B 189 -36.86 -15.12 -0.91
CA GLU B 189 -37.37 -16.44 -0.61
C GLU B 189 -36.25 -17.49 -0.52
N TRP B 190 -35.14 -17.26 -1.21
CA TRP B 190 -34.01 -18.19 -1.17
C TRP B 190 -33.25 -18.10 0.15
N GLY B 191 -32.79 -19.24 0.66
CA GLY B 191 -31.98 -19.28 1.87
C GLY B 191 -32.72 -18.75 3.08
N MET B 192 -32.01 -18.02 3.93
CA MET B 192 -32.59 -17.37 5.11
C MET B 192 -32.92 -15.93 4.77
N GLY B 193 -34.11 -15.71 4.23
CA GLY B 193 -34.52 -14.36 3.81
C GLY B 193 -33.61 -13.74 2.77
N GLY B 194 -32.99 -14.59 1.94
CA GLY B 194 -32.11 -14.11 0.88
C GLY B 194 -30.64 -14.14 1.23
N TYR B 195 -30.33 -14.56 2.46
CA TYR B 195 -28.97 -14.63 2.98
C TYR B 195 -28.54 -16.07 3.20
N VAL B 196 -27.22 -16.27 3.27
CA VAL B 196 -26.65 -17.57 3.63
C VAL B 196 -25.56 -17.35 4.65
N LYS B 197 -25.53 -18.21 5.66
CA LYS B 197 -24.40 -18.29 6.58
C LYS B 197 -23.41 -19.29 5.99
N MET B 198 -22.26 -18.80 5.55
CA MET B 198 -21.25 -19.68 4.94
CA MET B 198 -21.22 -19.62 4.91
C MET B 198 -20.13 -19.97 5.91
N ALA B 199 -19.66 -21.22 5.89
CA ALA B 199 -18.59 -21.64 6.79
C ALA B 199 -17.40 -20.68 6.76
N LYS B 200 -16.99 -20.22 7.94
CA LYS B 200 -15.89 -19.27 8.08
C LYS B 200 -14.73 -19.93 8.80
N ASP B 201 -13.51 -19.57 8.40
CA ASP B 201 -12.27 -20.13 8.93
C ASP B 201 -12.23 -21.66 8.82
N ARG B 202 -12.73 -22.16 7.69
CA ARG B 202 -12.61 -23.55 7.31
C ARG B 202 -11.92 -23.60 5.94
N ARG B 203 -10.69 -23.10 5.92
CA ARG B 203 -9.81 -23.15 4.74
C ARG B 203 -10.39 -22.39 3.55
N ASN B 204 -10.83 -21.16 3.80
CA ASN B 204 -11.33 -20.28 2.75
C ASN B 204 -12.38 -21.02 1.93
N HIS B 205 -13.40 -21.48 2.64
CA HIS B 205 -14.40 -22.34 2.06
C HIS B 205 -15.17 -21.66 0.92
N CYS B 206 -15.23 -22.32 -0.23
CA CYS B 206 -15.88 -21.80 -1.45
C CYS B 206 -15.22 -20.54 -2.01
N GLY B 207 -14.01 -20.24 -1.56
CA GLY B 207 -13.25 -19.12 -2.10
C GLY B 207 -13.73 -17.74 -1.68
N ILE B 208 -14.46 -17.67 -0.57
CA ILE B 208 -15.06 -16.42 -0.10
C ILE B 208 -14.05 -15.27 0.08
N ALA B 209 -12.79 -15.58 0.40
CA ALA B 209 -11.77 -14.54 0.57
C ALA B 209 -10.91 -14.31 -0.68
N SER B 210 -11.18 -15.05 -1.76
CA SER B 210 -10.30 -15.08 -2.94
C SER B 210 -10.45 -13.89 -3.91
N ALA B 211 -11.54 -13.15 -3.82
CA ALA B 211 -11.80 -12.04 -4.74
C ALA B 211 -12.64 -10.96 -4.07
N ALA B 212 -12.16 -10.51 -2.90
CA ALA B 212 -12.90 -9.59 -2.06
C ALA B 212 -12.39 -8.17 -2.25
N SER B 213 -13.31 -7.21 -2.33
CA SER B 213 -12.96 -5.83 -2.54
C SER B 213 -14.09 -4.90 -2.09
N TYR B 214 -13.79 -3.62 -1.97
CA TYR B 214 -14.81 -2.63 -1.64
C TYR B 214 -14.45 -1.29 -2.28
N PRO B 215 -15.46 -0.45 -2.55
CA PRO B 215 -15.21 0.87 -3.11
C PRO B 215 -14.84 1.89 -2.04
N THR B 216 -14.06 2.90 -2.43
CA THR B 216 -13.85 4.08 -1.60
C THR B 216 -14.65 5.21 -2.22
N VAL B 217 -15.36 5.99 -1.40
CA VAL B 217 -16.26 7.02 -1.91
C VAL B 217 -15.94 8.40 -1.35
N ALA C 1 8.08 19.29 37.29
CA ALA C 1 7.16 19.22 36.12
C ALA C 1 5.90 18.43 36.47
N PRO C 2 4.75 18.83 35.90
CA PRO C 2 3.49 18.19 36.28
C PRO C 2 3.44 16.72 35.87
N ARG C 3 2.84 15.88 36.71
CA ARG C 3 2.68 14.46 36.42
C ARG C 3 1.49 14.22 35.53
N SER C 4 0.54 15.17 35.55
CA SER C 4 -0.65 15.10 34.73
C SER C 4 -0.82 16.43 34.02
N VAL C 5 -1.12 16.37 32.73
CA VAL C 5 -1.39 17.55 31.92
C VAL C 5 -2.60 17.26 31.05
N ASP C 6 -3.53 18.20 30.98
CA ASP C 6 -4.67 18.10 30.07
C ASP C 6 -5.03 19.49 29.59
N TRP C 7 -4.58 19.85 28.40
CA TRP C 7 -4.80 21.18 27.86
C TRP C 7 -6.27 21.50 27.57
N ARG C 8 -7.12 20.48 27.51
CA ARG C 8 -8.55 20.74 27.36
C ARG C 8 -9.08 21.55 28.53
N GLU C 9 -8.49 21.37 29.71
CA GLU C 9 -8.96 22.06 30.92
C GLU C 9 -8.64 23.54 30.91
N LYS C 10 -7.71 23.95 30.06
CA LYS C 10 -7.25 25.33 30.01
C LYS C 10 -7.80 26.15 28.85
N GLY C 11 -8.62 25.53 28.00
CA GLY C 11 -9.24 26.24 26.88
C GLY C 11 -8.47 26.18 25.57
N TYR C 12 -7.48 25.29 25.50
CA TYR C 12 -6.59 25.22 24.33
C TYR C 12 -7.13 24.35 23.19
N VAL C 13 -8.20 23.61 23.44
CA VAL C 13 -8.61 22.53 22.53
C VAL C 13 -10.06 22.69 22.10
N THR C 14 -10.29 22.72 20.79
CA THR C 14 -11.64 22.74 20.24
C THR C 14 -12.26 21.36 20.39
N PRO C 15 -13.60 21.27 20.26
CA PRO C 15 -14.26 19.97 20.21
C PRO C 15 -13.70 19.07 19.12
N VAL C 16 -13.90 17.77 19.29
CA VAL C 16 -13.44 16.79 18.32
C VAL C 16 -14.14 16.95 16.98
N LYS C 17 -13.35 16.91 15.92
CA LYS C 17 -13.87 17.04 14.55
C LYS C 17 -13.89 15.68 13.88
N ASN C 18 -14.42 15.62 12.66
CA ASN C 18 -14.54 14.35 11.94
C ASN C 18 -14.11 14.53 10.49
N GLN C 19 -13.00 13.88 10.11
CA GLN C 19 -12.43 14.05 8.78
C GLN C 19 -13.22 13.29 7.71
N GLY C 20 -14.15 12.45 8.13
CA GLY C 20 -14.90 11.63 7.19
C GLY C 20 -13.98 10.75 6.38
N GLN C 21 -14.28 10.63 5.10
CA GLN C 21 -13.60 9.69 4.18
C GLN C 21 -12.42 10.30 3.46
N CYS C 22 -12.05 11.52 3.84
CA CYS C 22 -10.96 12.25 3.21
C CYS C 22 -9.70 12.07 4.07
N GLY C 23 -8.61 11.62 3.44
CA GLY C 23 -7.38 11.31 4.16
C GLY C 23 -6.55 12.53 4.45
N ALA C 24 -7.12 13.43 5.24
CA ALA C 24 -6.48 14.70 5.58
C ALA C 24 -6.27 14.88 7.08
N SER C 25 -5.92 13.80 7.78
CA SER C 25 -5.61 13.92 9.20
C SER C 25 -4.51 14.96 9.46
N TYR C 26 -3.57 15.11 8.52
CA TYR C 26 -2.51 16.12 8.65
C TYR C 26 -3.12 17.50 8.88
N ALA C 27 -4.25 17.77 8.21
CA ALA C 27 -4.88 19.07 8.31
C ALA C 27 -5.54 19.29 9.68
N PHE C 28 -6.17 18.24 10.20
CA PHE C 28 -6.79 18.29 11.53
C PHE C 28 -5.76 18.39 12.63
N SER C 29 -4.66 17.66 12.48
CA SER C 29 -3.59 17.75 13.44
C SER C 29 -3.02 19.17 13.46
N ALA C 30 -2.85 19.75 12.27
CA ALA C 30 -2.26 21.08 12.13
C ALA C 30 -3.19 22.16 12.70
N THR C 31 -4.48 22.10 12.39
CA THR C 31 -5.41 23.08 12.94
C THR C 31 -5.49 22.97 14.46
N GLY C 32 -5.47 21.74 14.97
CA GLY C 32 -5.48 21.52 16.41
C GLY C 32 -4.29 22.17 17.08
N ALA C 33 -3.09 21.99 16.51
CA ALA C 33 -1.89 22.60 17.12
C ALA C 33 -1.92 24.13 17.05
N LEU C 34 -2.33 24.66 15.91
CA LEU C 34 -2.46 26.11 15.73
C LEU C 34 -3.54 26.68 16.65
N GLU C 35 -4.65 25.97 16.80
CA GLU C 35 -5.71 26.40 17.73
C GLU C 35 -5.15 26.61 19.15
N GLY C 36 -4.32 25.68 19.61
CA GLY C 36 -3.71 25.78 20.93
C GLY C 36 -2.78 26.96 21.04
N GLN C 37 -1.88 27.09 20.06
CA GLN C 37 -0.91 28.19 20.11
C GLN C 37 -1.52 29.57 19.88
N MET C 38 -2.57 29.66 19.07
CA MET C 38 -3.28 30.93 18.93
C MET C 38 -3.96 31.31 20.24
N PHE C 39 -4.52 30.32 20.94
CA PHE C 39 -5.12 30.58 22.26
C PHE C 39 -4.07 31.07 23.26
N ARG C 40 -2.93 30.38 23.30
CA ARG C 40 -1.81 30.80 24.14
C ARG C 40 -1.43 32.25 23.91
N LYS C 41 -1.48 32.72 22.65
CA LYS C 41 -1.10 34.09 22.33
C LYS C 41 -2.19 35.12 22.67
N THR C 42 -3.43 34.82 22.27
CA THR C 42 -4.51 35.81 22.27
C THR C 42 -5.59 35.63 23.35
N GLY C 43 -5.68 34.44 23.92
CA GLY C 43 -6.70 34.15 24.92
C GLY C 43 -8.04 33.81 24.30
N ARG C 44 -8.05 33.56 22.99
CA ARG C 44 -9.26 33.23 22.25
C ARG C 44 -9.09 31.92 21.48
N LEU C 45 -9.98 30.97 21.75
CA LEU C 45 -10.00 29.69 21.04
C LEU C 45 -10.97 29.81 19.88
N ILE C 46 -10.44 29.73 18.66
CA ILE C 46 -11.25 29.82 17.45
C ILE C 46 -10.93 28.63 16.55
N SER C 47 -11.97 27.87 16.19
CA SER C 47 -11.80 26.72 15.33
C SER C 47 -11.32 27.12 13.94
N LEU C 48 -10.34 26.39 13.41
CA LEU C 48 -9.68 26.75 12.15
C LEU C 48 -10.04 25.81 11.01
N SER C 49 -9.85 26.29 9.79
CA SER C 49 -10.34 25.58 8.60
C SER C 49 -9.39 24.51 8.08
N GLU C 50 -9.78 23.25 8.24
CA GLU C 50 -9.04 22.15 7.61
C GLU C 50 -9.16 22.20 6.09
N GLN C 51 -10.35 22.59 5.61
CA GLN C 51 -10.59 22.67 4.16
C GLN C 51 -9.63 23.65 3.49
N ASN C 52 -9.37 24.77 4.17
CA ASN C 52 -8.40 25.75 3.71
C ASN C 52 -7.06 25.06 3.45
N LEU C 53 -6.64 24.19 4.35
CA LEU C 53 -5.39 23.46 4.18
C LEU C 53 -5.48 22.40 3.07
N VAL C 54 -6.59 21.67 3.03
CA VAL C 54 -6.77 20.66 1.98
C VAL C 54 -6.71 21.27 0.58
N ASP C 55 -7.37 22.42 0.42
CA ASP C 55 -7.52 23.08 -0.87
C ASP C 55 -6.31 23.90 -1.31
N CYS C 56 -5.55 24.43 -0.34
CA CYS C 56 -4.58 25.48 -0.65
C CYS C 56 -3.10 25.17 -0.39
N SER C 57 -2.80 24.13 0.39
CA SER C 57 -1.40 23.88 0.77
C SER C 57 -0.67 22.87 -0.13
N GLY C 58 -1.12 22.71 -1.37
CA GLY C 58 -0.39 21.90 -2.34
C GLY C 58 1.00 22.41 -2.68
N PRO C 59 1.14 23.73 -2.89
CA PRO C 59 2.49 24.23 -3.18
C PRO C 59 3.55 23.86 -2.13
N GLN C 60 3.14 23.80 -0.86
CA GLN C 60 4.04 23.48 0.25
C GLN C 60 4.28 21.98 0.39
N GLY C 61 3.53 21.16 -0.36
CA GLY C 61 3.78 19.74 -0.44
C GLY C 61 2.62 18.82 -0.11
N ASN C 62 1.50 19.38 0.34
CA ASN C 62 0.37 18.53 0.74
C ASN C 62 -0.43 18.05 -0.46
N GLU C 63 -1.20 17.00 -0.24
CA GLU C 63 -1.88 16.30 -1.34
C GLU C 63 -3.38 16.12 -1.12
N GLY C 64 -4.02 17.14 -0.59
CA GLY C 64 -5.48 17.17 -0.45
C GLY C 64 -5.99 16.09 0.47
N CYS C 65 -6.80 15.18 -0.05
CA CYS C 65 -7.31 14.04 0.72
C CYS C 65 -6.42 12.81 0.63
N ASN C 66 -5.27 12.95 -0.04
CA ASN C 66 -4.31 11.85 -0.21
C ASN C 66 -3.08 11.99 0.69
N GLY C 67 -3.18 12.81 1.72
CA GLY C 67 -2.15 12.92 2.73
C GLY C 67 -1.40 14.22 2.69
N GLY C 68 -0.47 14.38 3.63
CA GLY C 68 0.27 15.61 3.79
C GLY C 68 1.04 15.57 5.09
N LEU C 69 1.76 16.65 5.39
CA LEU C 69 2.52 16.78 6.63
C LEU C 69 2.07 18.03 7.38
N MET C 70 1.96 17.92 8.70
CA MET C 70 1.57 19.06 9.52
C MET C 70 2.50 20.24 9.27
N ASP C 71 3.79 19.97 9.18
CA ASP C 71 4.78 21.04 8.95
C ASP C 71 4.53 21.79 7.65
N TYR C 72 4.06 21.08 6.61
CA TYR C 72 3.72 21.73 5.34
C TYR C 72 2.50 22.63 5.52
N ALA C 73 1.57 22.21 6.37
CA ALA C 73 0.43 23.06 6.72
C ALA C 73 0.89 24.32 7.45
N PHE C 74 1.79 24.15 8.42
CA PHE C 74 2.33 25.30 9.15
C PHE C 74 3.05 26.24 8.19
N GLN C 75 3.82 25.68 7.25
CA GLN C 75 4.51 26.48 6.23
C GLN C 75 3.52 27.25 5.35
N TYR C 76 2.43 26.59 4.97
CA TYR C 76 1.40 27.26 4.17
C TYR C 76 0.87 28.50 4.89
N VAL C 77 0.53 28.36 6.17
CA VAL C 77 -0.02 29.47 6.94
C VAL C 77 1.00 30.64 6.98
N GLN C 78 2.27 30.29 7.17
CA GLN C 78 3.36 31.27 7.16
C GLN C 78 3.46 31.98 5.80
N ASP C 79 3.56 31.20 4.74
CA ASP C 79 3.67 31.74 3.37
C ASP C 79 2.47 32.60 3.03
N ASN C 80 1.30 32.14 3.43
CA ASN C 80 0.02 32.75 3.07
C ASN C 80 -0.33 33.97 3.91
N GLY C 81 0.29 34.10 5.07
CA GLY C 81 -0.01 35.19 5.99
C GLY C 81 -1.29 34.99 6.79
N GLY C 82 -1.85 33.79 6.76
CA GLY C 82 -3.09 33.55 7.50
C GLY C 82 -3.78 32.24 7.20
N LEU C 83 -4.87 31.99 7.93
CA LEU C 83 -5.70 30.79 7.77
C LEU C 83 -7.10 31.16 8.18
N ASP C 84 -8.09 30.75 7.38
CA ASP C 84 -9.48 31.11 7.64
C ASP C 84 -10.08 30.29 8.78
N SER C 85 -11.11 30.86 9.40
CA SER C 85 -11.84 30.17 10.45
C SER C 85 -12.60 29.00 9.86
N GLU C 86 -12.87 28.02 10.71
CA GLU C 86 -13.72 26.88 10.35
C GLU C 86 -15.09 27.38 9.89
N GLU C 87 -15.64 28.35 10.61
CA GLU C 87 -16.96 28.90 10.29
C GLU C 87 -17.03 29.49 8.88
N SER C 88 -15.95 30.18 8.48
CA SER C 88 -15.92 30.87 7.19
C SER C 88 -15.62 29.96 6.00
N TYR C 89 -14.95 28.84 6.27
CA TYR C 89 -14.43 27.95 5.23
C TYR C 89 -14.66 26.52 5.73
N PRO C 90 -15.92 26.07 5.71
CA PRO C 90 -16.29 24.79 6.33
C PRO C 90 -15.73 23.57 5.62
N TYR C 91 -15.75 22.45 6.32
CA TYR C 91 -15.13 21.23 5.86
C TYR C 91 -16.07 20.46 4.95
N GLU C 92 -15.54 20.01 3.82
CA GLU C 92 -16.31 19.30 2.80
C GLU C 92 -15.83 17.87 2.56
N ALA C 93 -14.64 17.54 3.07
CA ALA C 93 -14.06 16.20 2.98
C ALA C 93 -13.82 15.75 1.54
N THR C 94 -13.45 16.72 0.69
CA THR C 94 -13.05 16.42 -0.68
C THR C 94 -12.11 17.52 -1.13
N GLU C 95 -11.20 17.22 -2.04
CA GLU C 95 -10.26 18.25 -2.51
C GLU C 95 -10.95 19.16 -3.51
N GLU C 96 -10.89 20.46 -3.21
CA GLU C 96 -11.51 21.49 -4.04
C GLU C 96 -10.47 22.56 -4.33
N SER C 97 -10.84 23.54 -5.15
CA SER C 97 -9.93 24.64 -5.45
C SER C 97 -9.86 25.60 -4.28
N CYS C 98 -8.70 26.23 -4.14
CA CYS C 98 -8.46 27.14 -3.03
C CYS C 98 -9.38 28.35 -3.06
N LYS C 99 -10.09 28.58 -1.95
CA LYS C 99 -11.03 29.69 -1.81
C LYS C 99 -10.68 30.58 -0.62
N TYR C 100 -9.39 30.62 -0.28
CA TYR C 100 -8.93 31.45 0.83
C TYR C 100 -9.34 32.90 0.65
N ASN C 101 -9.91 33.47 1.72
CA ASN C 101 -10.26 34.89 1.75
C ASN C 101 -9.53 35.52 2.93
N PRO C 102 -8.65 36.50 2.68
CA PRO C 102 -7.90 37.08 3.80
C PRO C 102 -8.78 37.81 4.83
N LYS C 103 -9.95 38.27 4.41
CA LYS C 103 -10.89 38.93 5.33
C LYS C 103 -11.28 38.05 6.51
N TYR C 104 -11.28 36.74 6.32
CA TYR C 104 -11.75 35.79 7.33
C TYR C 104 -10.62 35.03 8.01
N SER C 105 -9.38 35.49 7.83
CA SER C 105 -8.25 34.89 8.53
C SER C 105 -8.35 35.21 10.01
N VAL C 106 -8.13 34.19 10.83
CA VAL C 106 -8.11 34.36 12.29
C VAL C 106 -6.85 33.77 12.93
N ALA C 107 -5.91 33.31 12.11
CA ALA C 107 -4.68 32.72 12.63
C ALA C 107 -3.49 33.04 11.73
N ASN C 108 -2.30 32.92 12.29
CA ASN C 108 -1.05 33.12 11.58
C ASN C 108 -0.02 32.18 12.16
N ASP C 109 1.11 32.02 11.48
CA ASP C 109 2.30 31.54 12.17
C ASP C 109 3.58 32.10 11.58
N VAL C 110 4.61 32.10 12.42
CA VAL C 110 5.93 32.62 12.09
CA VAL C 110 5.92 32.62 12.03
C VAL C 110 6.87 31.49 11.64
N GLY C 111 6.62 30.28 12.14
CA GLY C 111 7.44 29.14 11.78
C GLY C 111 6.89 27.92 12.49
N PHE C 112 7.74 26.91 12.66
CA PHE C 112 7.38 25.71 13.40
C PHE C 112 8.63 25.02 13.91
N VAL C 113 8.45 24.24 14.97
CA VAL C 113 9.52 23.52 15.64
C VAL C 113 9.26 22.02 15.57
N ASP C 114 10.24 21.27 15.08
CA ASP C 114 10.19 19.81 15.13
C ASP C 114 10.85 19.36 16.42
N ILE C 115 10.19 18.44 17.12
CA ILE C 115 10.66 17.96 18.41
C ILE C 115 11.52 16.73 18.18
N PRO C 116 12.65 16.62 18.89
CA PRO C 116 13.46 15.39 18.79
C PRO C 116 12.65 14.12 19.05
N LYS C 117 13.09 13.03 18.43
CA LYS C 117 12.35 11.77 18.39
C LYS C 117 12.52 10.95 19.67
N GLN C 118 12.16 11.56 20.81
CA GLN C 118 12.17 10.90 22.11
C GLN C 118 10.91 11.25 22.90
N GLU C 119 10.36 10.27 23.60
CA GLU C 119 9.20 10.50 24.45
C GLU C 119 9.50 11.49 25.58
N LYS C 120 10.75 11.54 26.04
CA LYS C 120 11.17 12.53 27.02
C LYS C 120 10.99 13.95 26.47
N ALA C 121 11.46 14.16 25.23
CA ALA C 121 11.34 15.44 24.57
C ALA C 121 9.87 15.77 24.29
N LEU C 122 9.09 14.77 23.86
CA LEU C 122 7.67 15.01 23.61
C LEU C 122 6.96 15.46 24.89
N MET C 123 7.30 14.83 26.01
CA MET C 123 6.66 15.17 27.29
C MET C 123 6.95 16.61 27.68
N LYS C 124 8.21 17.02 27.55
CA LYS C 124 8.61 18.42 27.80
C LYS C 124 7.81 19.39 26.93
N ALA C 125 7.69 19.06 25.65
CA ALA C 125 6.96 19.89 24.71
C ALA C 125 5.49 20.01 25.11
N VAL C 126 4.85 18.88 25.40
CA VAL C 126 3.45 18.92 25.84
C VAL C 126 3.28 19.75 27.11
N ALA C 127 4.19 19.58 28.07
CA ALA C 127 4.07 20.30 29.34
C ALA C 127 4.26 21.82 29.18
N THR C 128 5.19 22.21 28.31
CA THR C 128 5.64 23.61 28.27
C THR C 128 5.06 24.44 27.12
N VAL C 129 4.54 23.79 26.10
CA VAL C 129 4.08 24.50 24.88
C VAL C 129 2.57 24.52 24.72
N GLY C 130 1.95 23.33 24.81
CA GLY C 130 0.54 23.17 24.49
C GLY C 130 0.35 21.90 23.70
N PRO C 131 -0.83 21.72 23.12
CA PRO C 131 -1.07 20.57 22.26
C PRO C 131 -0.05 20.45 21.11
N ILE C 132 0.38 19.23 20.84
CA ILE C 132 1.48 18.95 19.91
C ILE C 132 1.00 18.04 18.78
N SER C 133 1.32 18.40 17.55
CA SER C 133 0.99 17.56 16.39
C SER C 133 1.88 16.32 16.40
N VAL C 134 1.30 15.14 16.13
CA VAL C 134 2.05 13.90 16.04
C VAL C 134 1.46 13.02 14.93
N ALA C 135 2.21 11.99 14.54
CA ALA C 135 1.67 10.93 13.67
C ALA C 135 2.00 9.59 14.29
N ILE C 136 1.10 8.63 14.11
CA ILE C 136 1.23 7.30 14.68
C ILE C 136 0.86 6.23 13.67
N ASP C 137 1.12 4.98 14.05
CA ASP C 137 0.58 3.82 13.32
C ASP C 137 -0.79 3.55 13.92
N ALA C 138 -1.84 3.93 13.17
CA ALA C 138 -3.23 3.76 13.59
C ALA C 138 -3.90 2.67 12.78
N GLY C 139 -3.12 1.88 12.05
CA GLY C 139 -3.64 0.93 11.09
C GLY C 139 -3.81 -0.47 11.63
N HIS C 140 -4.37 -0.55 12.83
CA HIS C 140 -4.65 -1.84 13.45
C HIS C 140 -6.08 -1.86 13.95
N GLU C 141 -6.76 -2.98 13.72
CA GLU C 141 -8.14 -3.14 14.13
C GLU C 141 -8.38 -2.74 15.58
N SER C 142 -7.43 -3.09 16.46
CA SER C 142 -7.52 -2.78 17.88
C SER C 142 -7.67 -1.28 18.13
N PHE C 143 -6.97 -0.49 17.33
CA PHE C 143 -7.06 0.97 17.45
C PHE C 143 -8.43 1.45 16.97
N LEU C 144 -8.88 0.92 15.84
CA LEU C 144 -10.17 1.28 15.29
C LEU C 144 -11.30 1.02 16.30
N PHE C 145 -11.19 -0.06 17.08
CA PHE C 145 -12.21 -0.41 18.08
C PHE C 145 -11.87 0.01 19.51
N TYR C 146 -10.85 0.85 19.67
CA TYR C 146 -10.50 1.33 21.00
C TYR C 146 -11.69 2.02 21.64
N LYS C 147 -11.96 1.71 22.90
CA LYS C 147 -13.08 2.32 23.64
C LYS C 147 -12.61 3.02 24.90
N GLU C 148 -11.77 2.35 25.69
CA GLU C 148 -11.32 2.92 26.96
C GLU C 148 -10.04 2.28 27.49
N GLY C 149 -9.44 2.93 28.49
CA GLY C 149 -8.20 2.45 29.09
C GLY C 149 -6.99 2.91 28.30
N ILE C 150 -5.84 2.29 28.56
CA ILE C 150 -4.60 2.66 27.89
C ILE C 150 -4.36 1.73 26.71
N TYR C 151 -4.32 2.31 25.52
CA TYR C 151 -4.15 1.55 24.29
C TYR C 151 -2.71 1.04 24.13
N PHE C 152 -2.60 -0.26 23.88
CA PHE C 152 -1.34 -0.89 23.54
C PHE C 152 -1.58 -2.02 22.55
N SER C 153 -0.86 -2.01 21.43
CA SER C 153 -0.87 -3.12 20.48
C SER C 153 0.53 -3.68 20.28
N SER C 154 0.69 -4.99 20.43
CA SER C 154 1.99 -5.63 20.22
C SER C 154 2.50 -5.49 18.78
N ASP C 155 1.59 -5.22 17.84
CA ASP C 155 1.94 -5.14 16.42
C ASP C 155 2.12 -3.71 15.92
N CYS C 156 2.14 -2.74 16.84
CA CYS C 156 2.23 -1.35 16.43
C CYS C 156 3.65 -1.03 15.95
N SER C 157 3.72 -0.34 14.82
CA SER C 157 4.98 0.09 14.23
C SER C 157 5.35 1.48 14.74
N SER C 158 6.63 1.69 14.98
CA SER C 158 7.17 3.01 15.27
C SER C 158 7.80 3.64 14.02
N SER C 159 7.90 2.88 12.93
CA SER C 159 8.56 3.34 11.69
CA SER C 159 8.55 3.35 11.71
C SER C 159 7.56 3.74 10.61
N SER C 160 6.49 2.96 10.48
CA SER C 160 5.50 3.20 9.44
C SER C 160 4.32 3.90 10.07
N LEU C 161 4.35 5.22 10.00
CA LEU C 161 3.30 6.06 10.54
C LEU C 161 2.29 6.34 9.44
N ASN C 162 1.02 6.42 9.79
CA ASN C 162 -0.04 6.51 8.80
C ASN C 162 -1.26 7.34 9.22
N HIS C 163 -1.15 8.07 10.32
CA HIS C 163 -2.30 8.83 10.84
C HIS C 163 -1.86 9.95 11.77
N ALA C 164 -2.20 11.18 11.41
CA ALA C 164 -1.84 12.35 12.20
C ALA C 164 -2.86 12.58 13.32
N MET C 165 -2.36 13.02 14.47
CA MET C 165 -3.23 13.24 15.65
C MET C 165 -2.67 14.41 16.46
N LEU C 166 -3.28 14.68 17.61
CA LEU C 166 -2.85 15.81 18.45
C LEU C 166 -2.73 15.40 19.91
N VAL C 167 -1.52 15.48 20.47
CA VAL C 167 -1.35 15.14 21.89
C VAL C 167 -1.74 16.35 22.72
N VAL C 168 -2.76 16.20 23.56
CA VAL C 168 -3.28 17.30 24.37
C VAL C 168 -2.91 17.15 25.85
N GLY C 169 -2.18 16.10 26.19
CA GLY C 169 -1.72 15.95 27.56
C GLY C 169 -1.13 14.59 27.81
N TYR C 170 -0.96 14.27 29.08
CA TYR C 170 -0.46 12.98 29.50
C TYR C 170 -0.85 12.76 30.96
N GLY C 171 -0.68 11.53 31.43
CA GLY C 171 -1.02 11.23 32.80
C GLY C 171 -0.61 9.84 33.18
N PHE C 172 -1.21 9.35 34.27
CA PHE C 172 -0.94 8.03 34.80
C PHE C 172 -2.16 7.50 35.52
N ILE C 173 -2.27 6.17 35.62
CA ILE C 173 -3.40 5.55 36.33
C ILE C 173 -2.93 5.04 37.69
N SER C 174 -3.89 4.67 38.54
CA SER C 174 -3.60 4.30 39.93
C SER C 174 -2.78 3.02 40.01
N GLN C 177 2.31 2.48 33.63
CA GLN C 177 0.98 2.95 33.96
C GLN C 177 0.74 4.36 33.44
N LYS C 178 1.55 4.80 32.49
CA LYS C 178 1.49 6.16 31.96
C LYS C 178 0.86 6.17 30.58
N TYR C 179 0.27 7.29 30.23
CA TYR C 179 -0.35 7.45 28.92
C TYR C 179 -0.22 8.86 28.35
N TRP C 180 -0.30 8.94 27.03
CA TRP C 180 -0.52 10.19 26.31
C TRP C 180 -2.01 10.35 26.10
N LEU C 181 -2.51 11.57 26.25
CA LEU C 181 -3.88 11.87 25.95
C LEU C 181 -3.90 12.46 24.54
N VAL C 182 -4.57 11.77 23.61
CA VAL C 182 -4.47 12.08 22.19
C VAL C 182 -5.84 12.29 21.54
N LYS C 183 -5.98 13.41 20.85
CA LYS C 183 -7.18 13.82 20.15
C LYS C 183 -7.14 13.24 18.75
N ASN C 184 -8.21 12.54 18.36
CA ASN C 184 -8.34 12.03 17.02
C ASN C 184 -9.28 12.94 16.22
N SER C 185 -9.50 12.61 14.95
CA SER C 185 -10.40 13.34 14.07
C SER C 185 -11.38 12.38 13.42
N TRP C 186 -11.94 11.47 14.20
CA TRP C 186 -12.91 10.47 13.74
C TRP C 186 -14.27 10.67 14.41
N GLY C 187 -14.52 11.89 14.87
CA GLY C 187 -15.77 12.22 15.53
C GLY C 187 -15.74 11.92 17.02
N GLU C 188 -16.74 12.43 17.73
CA GLU C 188 -16.76 12.33 19.19
C GLU C 188 -17.22 10.96 19.70
N GLU C 189 -17.77 10.14 18.81
CA GLU C 189 -18.26 8.82 19.20
C GLU C 189 -17.13 7.81 19.36
N TRP C 190 -16.08 7.95 18.56
CA TRP C 190 -14.95 7.01 18.57
C TRP C 190 -14.16 7.15 19.86
N GLY C 191 -13.67 6.03 20.39
CA GLY C 191 -12.80 6.05 21.57
C GLY C 191 -13.48 6.68 22.77
N MET C 192 -12.73 7.47 23.52
CA MET C 192 -13.23 8.15 24.72
C MET C 192 -13.60 9.58 24.39
N GLY C 193 -14.82 9.78 23.91
CA GLY C 193 -15.26 11.10 23.45
C GLY C 193 -14.42 11.66 22.31
N GLY C 194 -13.88 10.78 21.48
CA GLY C 194 -13.02 11.21 20.37
C GLY C 194 -11.53 11.18 20.67
N TYR C 195 -11.18 10.78 21.90
CA TYR C 195 -9.80 10.75 22.38
C TYR C 195 -9.33 9.33 22.68
N VAL C 196 -8.01 9.14 22.69
CA VAL C 196 -7.41 7.87 23.09
C VAL C 196 -6.26 8.12 24.06
N LYS C 197 -6.21 7.30 25.11
CA LYS C 197 -5.04 7.24 25.98
C LYS C 197 -4.09 6.21 25.39
N MET C 198 -2.91 6.67 24.96
CA MET C 198 -1.94 5.76 24.34
CA MET C 198 -1.91 5.81 24.30
C MET C 198 -0.79 5.49 25.27
N ALA C 199 -0.33 4.24 25.29
CA ALA C 199 0.76 3.82 26.16
C ALA C 199 1.95 4.78 26.04
N LYS C 200 2.41 5.28 27.18
CA LYS C 200 3.52 6.24 27.25
C LYS C 200 4.73 5.63 27.94
N ASP C 201 5.92 5.98 27.47
CA ASP C 201 7.18 5.46 27.99
C ASP C 201 7.24 3.93 27.93
N ARG C 202 6.73 3.41 26.82
CA ARG C 202 6.82 1.99 26.50
C ARG C 202 7.42 1.86 25.10
N ARG C 203 8.66 2.30 24.99
CA ARG C 203 9.45 2.18 23.76
C ARG C 203 8.82 2.90 22.57
N ASN C 204 8.38 4.13 22.80
CA ASN C 204 7.83 4.97 21.73
C ASN C 204 6.73 4.23 20.99
N HIS C 205 5.75 3.77 21.74
CA HIS C 205 4.72 2.89 21.20
C HIS C 205 3.90 3.57 20.08
N CYS C 206 3.78 2.87 18.95
CA CYS C 206 3.10 3.35 17.74
C CYS C 206 3.75 4.58 17.09
N GLY C 207 4.98 4.91 17.48
CA GLY C 207 5.72 6.03 16.89
C GLY C 207 5.27 7.42 17.35
N ILE C 208 4.59 7.47 18.49
CA ILE C 208 4.00 8.71 19.00
C ILE C 208 4.98 9.90 19.01
N ALA C 209 6.26 9.65 19.31
CA ALA C 209 7.26 10.72 19.42
C ALA C 209 8.10 10.94 18.15
N SER C 210 7.79 10.23 17.08
CA SER C 210 8.66 10.20 15.90
C SER C 210 8.44 11.30 14.87
N ALA C 211 7.31 11.98 14.93
CA ALA C 211 6.99 13.04 13.96
C ALA C 211 6.20 14.15 14.64
N ALA C 212 6.74 14.62 15.76
CA ALA C 212 6.06 15.59 16.60
C ALA C 212 6.55 17.00 16.29
N SER C 213 5.62 17.94 16.21
CA SER C 213 5.97 19.34 15.97
C SER C 213 4.87 20.29 16.43
N TYR C 214 5.20 21.57 16.47
CA TYR C 214 4.20 22.59 16.75
C TYR C 214 4.53 23.88 16.01
N PRO C 215 3.51 24.71 15.76
CA PRO C 215 3.74 26.00 15.14
C PRO C 215 4.15 27.05 16.16
N THR C 216 4.96 28.00 15.69
CA THR C 216 5.26 29.21 16.45
C THR C 216 4.41 30.34 15.86
N VAL C 217 3.74 31.11 16.70
CA VAL C 217 2.81 32.14 16.24
C VAL C 217 3.19 33.53 16.76
N ALA D 1 29.70 30.77 0.85
CA ALA D 1 29.53 29.29 0.82
C ALA D 1 29.92 28.75 -0.56
N PRO D 2 30.40 27.50 -0.62
CA PRO D 2 30.79 26.97 -1.92
C PRO D 2 29.58 26.81 -2.85
N ARG D 3 29.78 27.08 -4.14
CA ARG D 3 28.74 26.88 -5.14
C ARG D 3 28.58 25.41 -5.51
N SER D 4 29.65 24.65 -5.33
CA SER D 4 29.66 23.23 -5.63
C SER D 4 30.31 22.49 -4.48
N VAL D 5 29.71 21.37 -4.09
CA VAL D 5 30.24 20.52 -3.04
C VAL D 5 30.14 19.07 -3.50
N ASP D 6 31.20 18.30 -3.28
CA ASP D 6 31.17 16.87 -3.56
C ASP D 6 32.07 16.17 -2.55
N TRP D 7 31.45 15.61 -1.52
CA TRP D 7 32.20 14.98 -0.42
C TRP D 7 32.95 13.72 -0.84
N ARG D 8 32.63 13.17 -2.01
CA ARG D 8 33.38 12.02 -2.54
C ARG D 8 34.83 12.40 -2.78
N GLU D 9 35.06 13.66 -3.16
CA GLU D 9 36.41 14.12 -3.48
C GLU D 9 37.31 14.23 -2.26
N LYS D 10 36.70 14.25 -1.07
CA LYS D 10 37.43 14.49 0.18
C LYS D 10 37.64 13.22 1.01
N GLY D 11 37.15 12.08 0.54
CA GLY D 11 37.30 10.81 1.25
C GLY D 11 36.20 10.47 2.25
N TYR D 12 35.07 11.16 2.16
CA TYR D 12 33.96 10.96 3.10
C TYR D 12 33.00 9.83 2.72
N VAL D 13 33.13 9.28 1.50
CA VAL D 13 32.08 8.44 0.94
C VAL D 13 32.63 7.10 0.45
N THR D 14 32.05 6.01 0.95
CA THR D 14 32.40 4.68 0.50
C THR D 14 31.80 4.42 -0.88
N PRO D 15 32.32 3.43 -1.59
CA PRO D 15 31.69 3.06 -2.85
C PRO D 15 30.21 2.73 -2.69
N VAL D 16 29.48 2.80 -3.80
CA VAL D 16 28.05 2.52 -3.83
C VAL D 16 27.78 1.06 -3.49
N LYS D 17 26.78 0.85 -2.64
CA LYS D 17 26.39 -0.48 -2.19
C LYS D 17 25.07 -0.88 -2.85
N ASN D 18 24.62 -2.11 -2.59
CA ASN D 18 23.41 -2.65 -3.23
C ASN D 18 22.56 -3.38 -2.19
N GLN D 19 21.40 -2.81 -1.87
CA GLN D 19 20.51 -3.38 -0.86
C GLN D 19 19.78 -4.63 -1.33
N GLY D 20 19.85 -4.90 -2.63
CA GLY D 20 19.14 -6.05 -3.19
C GLY D 20 17.65 -5.94 -2.93
N GLN D 21 17.04 -7.08 -2.60
CA GLN D 21 15.59 -7.19 -2.48
C GLN D 21 15.08 -6.94 -1.07
N CYS D 22 15.97 -6.44 -0.20
CA CYS D 22 15.64 -6.15 1.19
C CYS D 22 15.39 -4.66 1.33
N GLY D 23 14.22 -4.30 1.88
CA GLY D 23 13.80 -2.90 1.97
C GLY D 23 14.44 -2.21 3.15
N ALA D 24 15.75 -2.09 3.10
CA ALA D 24 16.53 -1.54 4.20
C ALA D 24 17.32 -0.30 3.78
N SER D 25 16.76 0.52 2.89
CA SER D 25 17.46 1.74 2.49
C SER D 25 17.82 2.61 3.69
N TYR D 26 16.97 2.61 4.72
CA TYR D 26 17.25 3.36 5.95
C TYR D 26 18.64 3.00 6.52
N ALA D 27 19.00 1.73 6.41
CA ALA D 27 20.27 1.24 6.96
C ALA D 27 21.47 1.76 6.14
N PHE D 28 21.31 1.74 4.82
CA PHE D 28 22.33 2.22 3.89
C PHE D 28 22.52 3.72 4.02
N SER D 29 21.42 4.45 4.18
CA SER D 29 21.51 5.89 4.39
C SER D 29 22.21 6.22 5.70
N ALA D 30 21.89 5.45 6.74
CA ALA D 30 22.48 5.65 8.06
C ALA D 30 23.98 5.31 8.07
N THR D 31 24.36 4.18 7.50
CA THR D 31 25.78 3.85 7.44
C THR D 31 26.55 4.90 6.62
N GLY D 32 25.94 5.36 5.53
CA GLY D 32 26.57 6.40 4.70
C GLY D 32 26.85 7.67 5.48
N ALA D 33 25.85 8.12 6.23
CA ALA D 33 26.02 9.33 7.03
C ALA D 33 27.05 9.16 8.15
N LEU D 34 27.01 8.01 8.81
CA LEU D 34 27.99 7.68 9.87
C LEU D 34 29.39 7.54 9.30
N GLU D 35 29.51 6.91 8.13
CA GLU D 35 30.82 6.79 7.47
C GLU D 35 31.46 8.16 7.28
N GLY D 36 30.66 9.12 6.83
CA GLY D 36 31.13 10.48 6.63
C GLY D 36 31.55 11.17 7.90
N GLN D 37 30.72 11.06 8.94
CA GLN D 37 31.03 11.73 10.21
C GLN D 37 32.18 11.05 10.96
N MET D 38 32.30 9.73 10.82
CA MET D 38 33.45 9.04 11.40
C MET D 38 34.74 9.49 10.70
N PHE D 39 34.70 9.65 9.38
CA PHE D 39 35.87 10.14 8.64
C PHE D 39 36.25 11.54 9.07
N ARG D 40 35.26 12.42 9.19
CA ARG D 40 35.51 13.79 9.65
C ARG D 40 36.24 13.81 10.98
N LYS D 41 35.92 12.87 11.87
CA LYS D 41 36.52 12.82 13.19
C LYS D 41 37.92 12.21 13.17
N THR D 42 38.06 11.06 12.51
CA THR D 42 39.26 10.22 12.63
C THR D 42 40.22 10.26 11.44
N GLY D 43 39.72 10.69 10.28
CA GLY D 43 40.49 10.67 9.05
C GLY D 43 40.60 9.28 8.42
N ARG D 44 39.75 8.35 8.88
CA ARG D 44 39.69 7.00 8.31
C ARG D 44 38.28 6.68 7.83
N LEU D 45 38.18 6.30 6.55
CA LEU D 45 36.91 5.89 5.95
C LEU D 45 36.81 4.38 6.07
N ILE D 46 35.87 3.92 6.89
CA ILE D 46 35.66 2.49 7.09
C ILE D 46 34.20 2.19 6.80
N SER D 47 33.98 1.26 5.87
CA SER D 47 32.63 0.87 5.51
C SER D 47 31.94 0.16 6.69
N LEU D 48 30.69 0.56 6.96
CA LEU D 48 29.94 0.08 8.13
C LEU D 48 28.85 -0.93 7.77
N SER D 49 28.45 -1.74 8.74
CA SER D 49 27.55 -2.88 8.53
C SER D 49 26.08 -2.49 8.53
N GLU D 50 25.44 -2.55 7.36
CA GLU D 50 23.99 -2.39 7.29
C GLU D 50 23.28 -3.59 7.92
N GLN D 51 23.86 -4.78 7.77
CA GLN D 51 23.25 -5.98 8.36
C GLN D 51 23.11 -5.86 9.88
N ASN D 52 24.12 -5.26 10.51
CA ASN D 52 24.10 -4.97 11.94
C ASN D 52 22.87 -4.17 12.31
N LEU D 53 22.54 -3.17 11.48
CA LEU D 53 21.35 -2.35 11.68
C LEU D 53 20.07 -3.13 11.40
N VAL D 54 20.04 -3.88 10.31
CA VAL D 54 18.86 -4.66 9.95
C VAL D 54 18.52 -5.66 11.06
N ASP D 55 19.53 -6.33 11.58
CA ASP D 55 19.33 -7.40 12.56
C ASP D 55 19.09 -6.90 13.99
N CYS D 56 19.62 -5.72 14.33
CA CYS D 56 19.72 -5.33 15.73
C CYS D 56 18.95 -4.09 16.19
N SER D 57 18.52 -3.23 15.26
CA SER D 57 17.88 -1.96 15.64
C SER D 57 16.35 -2.02 15.74
N GLY D 58 15.80 -3.22 15.95
CA GLY D 58 14.38 -3.37 16.19
C GLY D 58 13.88 -2.65 17.45
N PRO D 59 14.60 -2.78 18.56
CA PRO D 59 14.16 -2.09 19.79
C PRO D 59 13.99 -0.57 19.62
N GLN D 60 14.81 0.04 18.78
CA GLN D 60 14.76 1.47 18.50
C GLN D 60 13.66 1.84 17.51
N GLY D 61 13.06 0.84 16.87
CA GLY D 61 11.90 1.06 16.02
C GLY D 61 12.00 0.56 14.58
N ASN D 62 13.16 0.06 14.17
CA ASN D 62 13.31 -0.39 12.79
C ASN D 62 12.73 -1.76 12.59
N GLU D 63 12.51 -2.12 11.33
CA GLU D 63 11.73 -3.31 10.99
C GLU D 63 12.41 -4.19 9.93
N GLY D 64 13.72 -4.34 10.05
CA GLY D 64 14.47 -5.27 9.22
C GLY D 64 14.45 -4.89 7.75
N CYS D 65 13.93 -5.78 6.91
CA CYS D 65 13.81 -5.51 5.47
C CYS D 65 12.47 -4.85 5.13
N ASN D 66 11.68 -4.52 6.15
CA ASN D 66 10.37 -3.89 5.94
C ASN D 66 10.37 -2.42 6.34
N GLY D 67 11.56 -1.81 6.36
CA GLY D 67 11.67 -0.37 6.54
C GLY D 67 12.20 0.03 7.90
N GLY D 68 12.37 1.34 8.08
CA GLY D 68 12.94 1.89 9.30
C GLY D 68 13.25 3.36 9.10
N LEU D 69 13.85 3.98 10.11
CA LEU D 69 14.24 5.39 10.04
C LEU D 69 15.71 5.51 10.31
N MET D 70 16.39 6.41 9.60
CA MET D 70 17.80 6.61 9.83
C MET D 70 18.08 7.00 11.26
N ASP D 71 17.22 7.87 11.82
CA ASP D 71 17.41 8.32 13.20
C ASP D 71 17.34 7.16 14.19
N TYR D 72 16.52 6.16 13.90
CA TYR D 72 16.46 4.96 14.75
C TYR D 72 17.75 4.16 14.66
N ALA D 73 18.36 4.14 13.47
CA ALA D 73 19.69 3.54 13.32
C ALA D 73 20.73 4.30 14.17
N PHE D 74 20.72 5.63 14.10
CA PHE D 74 21.66 6.41 14.88
C PHE D 74 21.43 6.14 16.37
N GLN D 75 20.17 6.11 16.80
CA GLN D 75 19.84 5.82 18.19
C GLN D 75 20.33 4.43 18.60
N TYR D 76 20.18 3.44 17.71
CA TYR D 76 20.68 2.10 18.03
C TYR D 76 22.18 2.14 18.30
N VAL D 77 22.93 2.84 17.44
CA VAL D 77 24.37 2.89 17.59
C VAL D 77 24.76 3.57 18.92
N GLN D 78 24.03 4.62 19.27
CA GLN D 78 24.19 5.28 20.57
C GLN D 78 23.90 4.31 21.73
N ASP D 79 22.72 3.70 21.71
CA ASP D 79 22.31 2.77 22.76
C ASP D 79 23.28 1.60 22.89
N ASN D 80 23.70 1.09 21.74
CA ASN D 80 24.49 -0.11 21.66
C ASN D 80 25.96 0.12 21.99
N GLY D 81 26.40 1.37 21.88
CA GLY D 81 27.79 1.73 22.14
C GLY D 81 28.71 1.36 20.99
N GLY D 82 28.17 1.09 19.81
CA GLY D 82 29.00 0.79 18.66
C GLY D 82 28.27 0.20 17.47
N LEU D 83 29.04 -0.02 16.40
CA LEU D 83 28.51 -0.59 15.17
C LEU D 83 29.65 -1.29 14.49
N ASP D 84 29.41 -2.52 14.04
CA ASP D 84 30.45 -3.34 13.43
C ASP D 84 30.79 -2.87 12.03
N SER D 85 32.00 -3.19 11.58
CA SER D 85 32.43 -2.91 10.22
C SER D 85 31.67 -3.79 9.25
N GLU D 86 31.56 -3.30 8.01
CA GLU D 86 30.98 -4.07 6.91
C GLU D 86 31.74 -5.39 6.75
N GLU D 87 33.06 -5.32 6.83
CA GLU D 87 33.93 -6.48 6.67
C GLU D 87 33.59 -7.58 7.69
N SER D 88 33.37 -7.18 8.93
CA SER D 88 33.13 -8.13 10.02
C SER D 88 31.70 -8.68 10.06
N TYR D 89 30.76 -7.94 9.48
CA TYR D 89 29.34 -8.25 9.60
C TYR D 89 28.70 -7.93 8.24
N PRO D 90 29.02 -8.76 7.23
CA PRO D 90 28.60 -8.49 5.86
C PRO D 90 27.11 -8.57 5.59
N TYR D 91 26.71 -8.02 4.45
CA TYR D 91 25.31 -7.81 4.13
C TYR D 91 24.73 -9.06 3.48
N GLU D 92 23.57 -9.48 3.99
CA GLU D 92 22.88 -10.67 3.53
C GLU D 92 21.52 -10.39 2.90
N ALA D 93 21.01 -9.16 3.03
CA ALA D 93 19.73 -8.75 2.42
C ALA D 93 18.54 -9.57 2.92
N THR D 94 18.58 -9.96 4.19
CA THR D 94 17.46 -10.63 4.82
C THR D 94 17.55 -10.37 6.32
N GLU D 95 16.41 -10.39 7.00
CA GLU D 95 16.41 -10.12 8.44
C GLU D 95 16.85 -11.37 9.18
N GLU D 96 17.95 -11.24 9.92
CA GLU D 96 18.51 -12.34 10.71
C GLU D 96 18.60 -11.90 12.16
N SER D 97 19.01 -12.82 13.03
CA SER D 97 19.18 -12.48 14.44
C SER D 97 20.42 -11.64 14.66
N CYS D 98 20.37 -10.77 15.67
CA CYS D 98 21.46 -9.87 15.97
C CYS D 98 22.73 -10.63 16.35
N LYS D 99 23.81 -10.33 15.65
CA LYS D 99 25.11 -10.96 15.88
C LYS D 99 26.19 -9.93 16.17
N TYR D 100 25.78 -8.77 16.69
CA TYR D 100 26.73 -7.71 17.01
C TYR D 100 27.83 -8.23 17.94
N ASN D 101 29.06 -7.87 17.61
CA ASN D 101 30.23 -8.20 18.44
C ASN D 101 31.02 -6.93 18.72
N PRO D 102 31.13 -6.54 20.01
CA PRO D 102 31.79 -5.27 20.31
C PRO D 102 33.27 -5.21 19.95
N LYS D 103 33.93 -6.36 19.86
CA LYS D 103 35.34 -6.43 19.43
C LYS D 103 35.54 -5.84 18.03
N TYR D 104 34.52 -5.91 17.19
CA TYR D 104 34.62 -5.48 15.81
C TYR D 104 33.94 -4.13 15.54
N SER D 105 33.54 -3.43 16.60
CA SER D 105 32.98 -2.09 16.46
C SER D 105 34.03 -1.12 15.95
N VAL D 106 33.66 -0.33 14.94
CA VAL D 106 34.55 0.70 14.37
C VAL D 106 33.89 2.08 14.28
N ALA D 107 32.68 2.21 14.81
CA ALA D 107 31.97 3.48 14.80
C ALA D 107 31.14 3.63 16.07
N ASN D 108 30.82 4.88 16.38
CA ASN D 108 29.97 5.22 17.52
C ASN D 108 29.11 6.40 17.13
N ASP D 109 28.13 6.71 17.96
CA ASP D 109 27.55 8.05 17.90
C ASP D 109 27.01 8.46 19.26
N VAL D 110 26.95 9.77 19.45
CA VAL D 110 26.52 10.37 20.69
C VAL D 110 25.09 10.91 20.57
N GLY D 111 24.69 11.23 19.35
CA GLY D 111 23.33 11.71 19.10
C GLY D 111 23.11 11.87 17.62
N PHE D 112 22.09 12.64 17.27
CA PHE D 112 21.82 12.97 15.87
C PHE D 112 20.99 14.24 15.80
N VAL D 113 21.12 14.93 14.67
CA VAL D 113 20.45 16.20 14.43
C VAL D 113 19.49 16.09 13.26
N ASP D 114 18.24 16.49 13.47
CA ASP D 114 17.27 16.62 12.40
C ASP D 114 17.34 18.04 11.84
N ILE D 115 17.48 18.14 10.52
CA ILE D 115 17.63 19.42 9.83
C ILE D 115 16.23 19.94 9.53
N PRO D 116 15.99 21.25 9.71
CA PRO D 116 14.69 21.82 9.35
C PRO D 116 14.32 21.53 7.89
N LYS D 117 13.00 21.51 7.63
CA LYS D 117 12.47 21.05 6.37
C LYS D 117 12.50 22.11 5.26
N GLN D 118 13.69 22.65 5.00
CA GLN D 118 13.90 23.63 3.92
C GLN D 118 15.18 23.30 3.16
N GLU D 119 15.15 23.49 1.85
CA GLU D 119 16.33 23.24 1.02
C GLU D 119 17.49 24.18 1.36
N LYS D 120 17.17 25.37 1.85
CA LYS D 120 18.18 26.30 2.34
C LYS D 120 18.97 25.68 3.52
N ALA D 121 18.24 25.09 4.47
CA ALA D 121 18.85 24.44 5.62
C ALA D 121 19.62 23.18 5.22
N LEU D 122 19.06 22.39 4.29
CA LEU D 122 19.77 21.21 3.80
C LEU D 122 21.10 21.60 3.16
N MET D 123 21.10 22.69 2.39
CA MET D 123 22.30 23.13 1.69
C MET D 123 23.39 23.48 2.69
N LYS D 124 23.03 24.25 3.71
CA LYS D 124 23.96 24.59 4.80
C LYS D 124 24.55 23.33 5.45
N ALA D 125 23.68 22.37 5.74
CA ALA D 125 24.10 21.12 6.39
C ALA D 125 25.08 20.37 5.51
N VAL D 126 24.77 20.25 4.22
CA VAL D 126 25.66 19.55 3.29
C VAL D 126 27.01 20.28 3.18
N ALA D 127 26.99 21.60 3.13
CA ALA D 127 28.23 22.37 3.00
C ALA D 127 29.11 22.27 4.24
N THR D 128 28.48 22.25 5.43
CA THR D 128 29.22 22.45 6.68
C THR D 128 29.42 21.18 7.52
N VAL D 129 28.70 20.10 7.22
CA VAL D 129 28.74 18.88 8.03
C VAL D 129 29.38 17.70 7.30
N GLY D 130 28.88 17.43 6.10
CA GLY D 130 29.26 16.24 5.36
C GLY D 130 28.01 15.64 4.75
N PRO D 131 28.12 14.41 4.23
CA PRO D 131 26.97 13.72 3.68
C PRO D 131 25.80 13.63 4.66
N ILE D 132 24.58 13.84 4.14
CA ILE D 132 23.38 13.96 4.95
C ILE D 132 22.36 12.89 4.56
N SER D 133 21.82 12.19 5.56
CA SER D 133 20.75 11.22 5.30
C SER D 133 19.46 11.94 4.89
N VAL D 134 18.77 11.43 3.88
CA VAL D 134 17.50 11.98 3.46
C VAL D 134 16.57 10.85 3.02
N ALA D 135 15.29 11.16 2.87
CA ALA D 135 14.33 10.26 2.24
C ALA D 135 13.57 11.02 1.16
N ILE D 136 13.22 10.32 0.09
CA ILE D 136 12.53 10.92 -1.04
C ILE D 136 11.44 9.99 -1.55
N ASP D 137 10.64 10.51 -2.47
CA ASP D 137 9.69 9.69 -3.23
C ASP D 137 10.46 9.15 -4.43
N ALA D 138 10.82 7.86 -4.38
CA ALA D 138 11.60 7.20 -5.42
C ALA D 138 10.73 6.24 -6.22
N GLY D 139 9.41 6.36 -6.07
CA GLY D 139 8.48 5.35 -6.56
C GLY D 139 8.16 5.40 -8.04
N HIS D 140 8.59 6.45 -8.73
CA HIS D 140 8.20 6.65 -10.11
C HIS D 140 9.15 5.97 -11.08
N GLU D 141 8.60 5.45 -12.17
CA GLU D 141 9.41 4.81 -13.21
C GLU D 141 10.55 5.70 -13.70
N SER D 142 10.27 6.99 -13.84
CA SER D 142 11.28 7.95 -14.30
C SER D 142 12.52 7.93 -13.41
N PHE D 143 12.32 7.78 -12.10
CA PHE D 143 13.43 7.65 -11.17
C PHE D 143 14.14 6.31 -11.33
N LEU D 144 13.36 5.24 -11.43
CA LEU D 144 13.91 3.90 -11.54
C LEU D 144 14.82 3.80 -12.78
N PHE D 145 14.45 4.47 -13.86
CA PHE D 145 15.20 4.43 -15.10
C PHE D 145 16.09 5.66 -15.33
N TYR D 146 16.30 6.45 -14.28
CA TYR D 146 17.21 7.59 -14.37
C TYR D 146 18.58 7.16 -14.85
N LYS D 147 19.14 7.89 -15.81
CA LYS D 147 20.45 7.58 -16.38
C LYS D 147 21.44 8.71 -16.16
N GLU D 148 21.05 9.93 -16.54
CA GLU D 148 21.97 11.07 -16.44
C GLU D 148 21.23 12.42 -16.44
N GLY D 149 21.96 13.48 -16.14
CA GLY D 149 21.39 14.82 -16.09
C GLY D 149 20.69 15.07 -14.76
N ILE D 150 19.90 16.12 -14.70
CA ILE D 150 19.19 16.49 -13.49
C ILE D 150 17.80 15.85 -13.51
N TYR D 151 17.52 15.04 -12.49
CA TYR D 151 16.24 14.37 -12.40
C TYR D 151 15.15 15.33 -11.94
N PHE D 152 14.10 15.42 -12.75
CA PHE D 152 12.87 16.09 -12.36
C PHE D 152 11.68 15.28 -12.85
N SER D 153 10.77 14.95 -11.93
CA SER D 153 9.49 14.34 -12.27
C SER D 153 8.34 15.25 -11.80
N SER D 154 7.42 15.55 -12.71
CA SER D 154 6.24 16.36 -12.39
C SER D 154 5.30 15.68 -11.39
N ASP D 155 5.41 14.37 -11.24
CA ASP D 155 4.53 13.59 -10.37
C ASP D 155 5.16 13.25 -9.02
N CYS D 156 6.34 13.81 -8.74
CA CYS D 156 7.04 13.44 -7.52
C CYS D 156 6.36 14.04 -6.29
N SER D 157 6.14 13.20 -5.28
CA SER D 157 5.52 13.62 -4.03
C SER D 157 6.58 14.15 -3.08
N SER D 158 6.22 15.19 -2.33
CA SER D 158 7.06 15.67 -1.23
C SER D 158 6.53 15.22 0.13
N SER D 159 5.37 14.57 0.16
CA SER D 159 4.76 14.14 1.42
CA SER D 159 4.74 14.13 1.41
C SER D 159 4.92 12.63 1.65
N SER D 160 4.67 11.85 0.60
CA SER D 160 4.77 10.39 0.72
C SER D 160 6.17 9.97 0.30
N LEU D 161 7.08 9.95 1.27
CA LEU D 161 8.46 9.54 1.04
C LEU D 161 8.55 8.03 1.24
N ASN D 162 9.40 7.38 0.45
CA ASN D 162 9.40 5.92 0.41
C ASN D 162 10.78 5.28 0.20
N HIS D 163 11.85 6.07 0.31
CA HIS D 163 13.19 5.57 0.02
C HIS D 163 14.26 6.49 0.58
N ALA D 164 15.13 5.94 1.42
CA ALA D 164 16.22 6.69 2.05
C ALA D 164 17.45 6.73 1.13
N MET D 165 18.19 7.83 1.20
CA MET D 165 19.35 8.05 0.35
C MET D 165 20.33 8.94 1.12
N LEU D 166 21.42 9.33 0.45
CA LEU D 166 22.46 10.12 1.10
C LEU D 166 22.89 11.26 0.18
N VAL D 167 22.69 12.50 0.62
CA VAL D 167 23.11 13.65 -0.16
C VAL D 167 24.59 13.85 0.12
N VAL D 168 25.41 13.76 -0.92
CA VAL D 168 26.86 13.89 -0.78
C VAL D 168 27.40 15.19 -1.38
N GLY D 169 26.51 16.05 -1.85
CA GLY D 169 26.92 17.33 -2.39
C GLY D 169 25.82 18.04 -3.15
N TYR D 170 26.22 19.07 -3.88
CA TYR D 170 25.30 19.83 -4.71
C TYR D 170 26.11 20.61 -5.74
N GLY D 171 25.43 21.14 -6.75
CA GLY D 171 26.11 21.92 -7.76
C GLY D 171 25.14 22.60 -8.71
N PHE D 172 25.66 23.01 -9.86
CA PHE D 172 24.86 23.71 -10.87
C PHE D 172 25.38 23.40 -12.27
N ILE D 173 24.50 23.54 -13.27
CA ILE D 173 24.81 23.22 -14.67
C ILE D 173 25.13 24.47 -15.49
N SER D 174 25.89 24.28 -16.56
CA SER D 174 26.24 25.36 -17.49
C SER D 174 25.00 25.89 -18.21
N GLN D 177 18.80 25.23 -12.75
CA GLN D 177 20.03 24.60 -13.17
C GLN D 177 20.82 24.01 -12.01
N LYS D 178 20.24 23.98 -10.81
CA LYS D 178 20.93 23.47 -9.63
C LYS D 178 20.49 22.05 -9.31
N TYR D 179 21.38 21.31 -8.66
CA TYR D 179 21.09 19.94 -8.28
C TYR D 179 21.73 19.52 -6.96
N TRP D 180 21.13 18.49 -6.35
CA TRP D 180 21.72 17.75 -5.25
C TRP D 180 22.40 16.53 -5.82
N LEU D 181 23.57 16.20 -5.28
CA LEU D 181 24.25 14.97 -5.66
C LEU D 181 23.90 13.91 -4.61
N VAL D 182 23.23 12.85 -5.05
CA VAL D 182 22.61 11.90 -4.13
C VAL D 182 23.06 10.46 -4.40
N LYS D 183 23.54 9.81 -3.36
CA LYS D 183 23.98 8.42 -3.42
C LYS D 183 22.82 7.49 -3.16
N ASN D 184 22.64 6.53 -4.06
CA ASN D 184 21.62 5.50 -3.88
C ASN D 184 22.27 4.21 -3.37
N SER D 185 21.44 3.19 -3.15
CA SER D 185 21.89 1.88 -2.68
C SER D 185 21.36 0.79 -3.60
N TRP D 186 21.39 1.05 -4.92
CA TRP D 186 20.92 0.10 -5.92
C TRP D 186 22.06 -0.35 -6.81
N GLY D 187 23.28 -0.27 -6.29
CA GLY D 187 24.47 -0.69 -7.02
C GLY D 187 25.06 0.40 -7.90
N GLU D 188 26.30 0.15 -8.33
CA GLU D 188 27.07 1.11 -9.14
C GLU D 188 26.53 1.28 -10.56
N GLU D 189 25.75 0.32 -11.05
CA GLU D 189 25.25 0.38 -12.42
C GLU D 189 24.05 1.31 -12.60
N TRP D 190 23.25 1.48 -11.56
CA TRP D 190 22.07 2.35 -11.61
C TRP D 190 22.49 3.82 -11.67
N GLY D 191 21.78 4.60 -12.49
CA GLY D 191 22.01 6.04 -12.57
C GLY D 191 23.41 6.37 -13.07
N MET D 192 24.00 7.41 -12.49
CA MET D 192 25.36 7.83 -12.81
C MET D 192 26.34 7.23 -11.80
N GLY D 193 26.81 6.02 -12.10
CA GLY D 193 27.67 5.29 -11.17
C GLY D 193 27.07 5.02 -9.80
N GLY D 194 25.74 4.89 -9.75
CA GLY D 194 25.05 4.69 -8.47
C GLY D 194 24.50 5.95 -7.82
N TYR D 195 24.73 7.10 -8.47
CA TYR D 195 24.30 8.40 -7.97
C TYR D 195 23.24 9.03 -8.87
N VAL D 196 22.50 9.99 -8.32
CA VAL D 196 21.54 10.76 -9.10
C VAL D 196 21.69 12.24 -8.77
N LYS D 197 21.63 13.09 -9.80
CA LYS D 197 21.54 14.54 -9.60
C LYS D 197 20.07 14.88 -9.56
N MET D 198 19.60 15.38 -8.41
CA MET D 198 18.18 15.69 -8.25
CA MET D 198 18.17 15.67 -8.19
C MET D 198 17.95 17.18 -8.21
N ALA D 199 16.88 17.64 -8.88
CA ALA D 199 16.57 19.06 -8.95
C ALA D 199 16.63 19.71 -7.57
N LYS D 200 17.40 20.80 -7.49
CA LYS D 200 17.60 21.55 -6.25
C LYS D 200 16.93 22.92 -6.39
N ASP D 201 16.33 23.38 -5.29
CA ASP D 201 15.62 24.67 -5.24
C ASP D 201 14.51 24.77 -6.28
N ARG D 202 13.82 23.65 -6.48
CA ARG D 202 12.59 23.61 -7.28
C ARG D 202 11.46 23.05 -6.40
N ARG D 203 11.14 23.81 -5.36
CA ARG D 203 10.02 23.50 -4.46
C ARG D 203 10.16 22.15 -3.77
N ASN D 204 11.34 21.89 -3.22
CA ASN D 204 11.60 20.67 -2.44
C ASN D 204 11.18 19.43 -3.22
N HIS D 205 11.71 19.32 -4.43
CA HIS D 205 11.35 18.28 -5.37
C HIS D 205 11.58 16.89 -4.78
N CYS D 206 10.55 16.05 -4.83
CA CYS D 206 10.56 14.68 -4.27
C CYS D 206 10.77 14.60 -2.74
N GLY D 207 10.65 15.72 -2.05
CA GLY D 207 10.77 15.74 -0.58
C GLY D 207 12.19 15.64 -0.04
N ILE D 208 13.16 16.01 -0.87
CA ILE D 208 14.59 15.88 -0.55
C ILE D 208 14.97 16.52 0.81
N ALA D 209 14.34 17.63 1.15
CA ALA D 209 14.69 18.36 2.38
C ALA D 209 13.80 18.02 3.59
N SER D 210 12.86 17.08 3.43
CA SER D 210 11.82 16.88 4.44
C SER D 210 12.08 15.83 5.52
N ALA D 211 13.10 15.00 5.34
CA ALA D 211 13.46 14.00 6.36
C ALA D 211 14.98 13.87 6.44
N ALA D 212 15.66 15.01 6.57
CA ALA D 212 17.11 15.06 6.50
C ALA D 212 17.69 15.08 7.91
N SER D 213 18.77 14.34 8.12
CA SER D 213 19.43 14.30 9.41
C SER D 213 20.85 13.76 9.29
N TYR D 214 21.61 13.92 10.37
CA TYR D 214 22.95 13.37 10.45
C TYR D 214 23.30 13.00 11.89
N PRO D 215 24.23 12.06 12.06
CA PRO D 215 24.66 11.65 13.39
C PRO D 215 25.77 12.57 13.89
N THR D 216 25.84 12.71 15.20
CA THR D 216 26.96 13.38 15.85
C THR D 216 27.80 12.27 16.49
N VAL D 217 29.11 12.34 16.31
CA VAL D 217 30.01 11.27 16.74
C VAL D 217 31.08 11.79 17.70
S SO4 E . -5.77 -24.33 -17.76
O1 SO4 E . -7.06 -24.91 -17.45
O2 SO4 E . -5.18 -25.08 -18.87
O3 SO4 E . -5.92 -22.95 -18.16
O4 SO4 E . -4.88 -24.45 -16.62
S SO4 F . -14.81 -19.55 -30.31
O1 SO4 F . -14.52 -18.27 -29.67
O2 SO4 F . -16.18 -19.94 -29.98
O3 SO4 F . -14.66 -19.40 -31.75
O4 SO4 F . -13.89 -20.58 -29.84
S SO4 G . -24.04 -15.05 -12.12
O1 SO4 G . -24.12 -13.61 -12.31
O2 SO4 G . -25.36 -15.53 -11.72
O3 SO4 G . -23.64 -15.70 -13.35
O4 SO4 G . -23.08 -15.38 -11.07
S SO4 H . -23.28 -30.93 -7.12
O1 SO4 H . -24.22 -29.93 -7.63
O2 SO4 H . -23.99 -31.89 -6.29
O3 SO4 H . -22.65 -31.60 -8.26
O4 SO4 H . -22.24 -30.29 -6.31
S SO4 I . -5.39 9.74 7.16
O1 SO4 I . -5.33 11.15 6.85
O2 SO4 I . -6.75 9.43 7.53
O3 SO4 I . -4.99 9.00 5.97
O4 SO4 I . -4.50 9.41 8.28
S SO4 J . -4.39 -5.96 12.57
O1 SO4 J . -5.31 -4.85 12.33
O2 SO4 J . -5.05 -6.93 13.43
O3 SO4 J . -4.02 -6.58 11.30
O4 SO4 J . -3.18 -5.48 13.24
S SO4 K . 13.30 0.75 0.57
O1 SO4 K . 11.98 0.21 0.87
O2 SO4 K . 13.92 0.00 -0.52
O3 SO4 K . 13.20 2.16 0.19
O4 SO4 K . 14.13 0.59 1.75
S SO4 L . 4.75 6.19 -12.55
O1 SO4 L . 4.59 7.36 -11.68
O2 SO4 L . 3.51 5.42 -12.55
O3 SO4 L . 5.03 6.62 -13.92
O4 SO4 L . 5.86 5.37 -12.09
#